data_7S8L
#
_entry.id   7S8L
#
_cell.length_a   1.00
_cell.length_b   1.00
_cell.length_c   1.00
_cell.angle_alpha   90.00
_cell.angle_beta   90.00
_cell.angle_gamma   90.00
#
_symmetry.space_group_name_H-M   'P 1'
#
loop_
_entity.id
_entity.type
_entity.pdbx_description
1 polymer 'Mas-related G-protein coupled receptor member X2'
2 polymer 'Cortistatin 14'
3 polymer 'Gs-mini-Gq chimera'
4 polymer 'Guanine nucleotide-binding protein G(I)/G(S)/G(T) subunit beta-1'
5 polymer 'Guanine nucleotide-binding protein G(I)/G(S)/G(O) subunit gamma-2'
6 polymer scFv16
#
loop_
_entity_poly.entity_id
_entity_poly.type
_entity_poly.pdbx_seq_one_letter_code
_entity_poly.pdbx_strand_id
1 'polypeptide(L)'
;GPDPTTPAWGTESTTVNGNDQALLLLCGKETLIPVFLILFIALVGLVGNGFVLWLLGFRMRRNAFSVYVLSLAGADFLFL
CFQIINCLVYLSNFFCSISINFPSFFTTVMTCAYLAGLSMLSTVSTERCLSVLWPIWYRCRRPRHLSAVVCVLLWALSLL
LSILEGKFCGFLFSDGDSGWCQTFDFITAAWLIFLFMVLCGSSLALLVRILCGSRGLPLTRLYLTILLTVLVFLLCGLPF
GIQWFLILWIWKDSDVLFCHIHPVSVVLSSLNSSANPIIYFFVGSFRKQWRLQQPILKLALQRALQDIAEVDHSEGCFRQ
GTPEMSRSSLV
;
R
2 'polypeptide(L)' PCKNFFWKTFSSCK A
3 'polypeptide(L)'
;MGSTVSAEDKAAAERSKMIDKNLREDGEKARRTLRLLLLGADNSGKSTIVKQMRILHGGSGGSGGTSGIFETKFQVDKVN
FHMFDVGGQRDERRKWIQCFNDVTAIIFVVDSSDYNRLQEALNDFKSIWNNRWLRTISVILFLNKQDLLAEKVLAGKSKI
EDYFPEFARYTTPEDATPEPGEDPRVTRAKYFIRKEFVDISTASGDGRHICYPHFTCAVDTENARRIFNDCKDIILQMNL
REYNLV
;
B
4 'polypeptide(L)'
;GPGSSGSELDQLRQEAEQLKNQIRDARKACADATLSQITNNIDPVGRIQMRTRRTLRGHLAKIYAMHWGTDSRLLVSASQ
DGKLIIWDSYTTNKVHAIPLRSSWVMTCAYAPSGNYVACGGLDNICSIYNLKTREGNVRVSRELAGHTGYLSCCRFLDDN
QIVTSSGDTTCALWDIETGQQTTTFTGHTGDVMSLSLAPDTRLFVSGACDASAKLWDVREGMCRQTFTGHESDINAICFF
PNGNAFATGSDDATCRLFDLRADQELMTYSHDNIICGITSVSFSKSGRLLLAGYDDFNCNVWDALKADRAGVLAGHDNRV
SCLGVTDDGMAVATGSWDSFLKIWN
;
C
5 'polypeptide(L)' MASNNTASIAQARKLVEQLKMEANIDRIKVSKAAADLMAYCEAHAKEDPLLTPVPASENPFREKKFFCAIL D
6 'polypeptide(L)'
;DVQLVESGGGLVQPGGSRKLSCSASGFAFSSFGMHWVRQAPEKGLEWVAYISSGSGTIYYADTVKGRFTISRDDPKNTLF
LQMTSLRSEDTAMYYCVRSIYYYGSSPFDFWGQGTTLTVSSGGGGSGGGGSGGGGSDIVMTQATSSVPVTPGESVSISCR
SSKSLLHSNGNTYLYWFLQRPGQSPQLLIYRMSNLASGVPDRFSGSGSGTAFTLTISRLEAEDVGVYYCMQHLEYPLTFG
AGTKLELKAAALEVLFQ
;
E
#
# COMPACT_ATOMS: atom_id res chain seq x y z
N LYS A 29 47.76 4.05 -42.44
CA LYS A 29 48.70 5.06 -41.97
C LYS A 29 48.02 6.43 -41.88
N GLU A 30 46.74 6.47 -42.23
CA GLU A 30 45.95 7.71 -42.18
C GLU A 30 44.58 7.44 -41.58
N THR A 31 44.53 6.62 -40.52
CA THR A 31 43.29 6.28 -39.85
C THR A 31 43.31 6.64 -38.38
N LEU A 32 44.22 7.53 -37.97
CA LEU A 32 44.32 7.89 -36.55
C LEU A 32 43.17 8.80 -36.13
N ILE A 33 42.79 9.74 -37.00
CA ILE A 33 41.67 10.64 -36.67
C ILE A 33 40.37 9.85 -36.46
N PRO A 34 40.02 8.88 -37.31
CA PRO A 34 38.83 8.07 -37.01
C PRO A 34 38.90 7.38 -35.66
N VAL A 35 40.09 6.90 -35.28
CA VAL A 35 40.25 6.25 -33.98
C VAL A 35 40.02 7.26 -32.86
N PHE A 36 40.53 8.48 -33.02
CA PHE A 36 40.30 9.51 -32.00
C PHE A 36 38.83 9.85 -31.86
N LEU A 37 38.12 9.97 -33.00
CA LEU A 37 36.68 10.22 -32.93
C LEU A 37 35.94 9.07 -32.26
N ILE A 38 36.33 7.83 -32.57
CA ILE A 38 35.71 6.67 -31.92
C ILE A 38 35.90 6.75 -30.41
N LEU A 39 37.13 7.05 -29.98
CA LEU A 39 37.42 7.12 -28.55
C LEU A 39 36.60 8.21 -27.88
N PHE A 40 36.53 9.39 -28.50
CA PHE A 40 35.78 10.50 -27.90
C PHE A 40 34.29 10.19 -27.80
N ILE A 41 33.72 9.63 -28.88
CA ILE A 41 32.29 9.34 -28.88
C ILE A 41 31.95 8.27 -27.85
N ALA A 42 32.78 7.22 -27.76
CA ALA A 42 32.52 6.18 -26.77
C ALA A 42 32.67 6.71 -25.35
N LEU A 43 33.66 7.57 -25.11
CA LEU A 43 33.82 8.16 -23.78
C LEU A 43 32.61 9.01 -23.41
N VAL A 44 32.07 9.75 -24.37
CA VAL A 44 30.85 10.53 -24.12
C VAL A 44 29.68 9.60 -23.81
N GLY A 45 29.55 8.52 -24.59
CA GLY A 45 28.39 7.64 -24.43
C GLY A 45 28.37 6.89 -23.12
N LEU A 46 29.54 6.49 -22.62
CA LEU A 46 29.59 5.69 -21.40
C LEU A 46 28.98 6.44 -20.22
N VAL A 47 29.20 7.75 -20.14
CA VAL A 47 28.65 8.54 -19.03
C VAL A 47 27.13 8.50 -19.06
N GLY A 48 26.54 8.69 -20.23
CA GLY A 48 25.09 8.62 -20.34
C GLY A 48 24.54 7.25 -20.01
N ASN A 49 25.22 6.20 -20.47
CA ASN A 49 24.78 4.85 -20.15
C ASN A 49 24.81 4.60 -18.65
N GLY A 50 25.89 5.03 -17.99
CA GLY A 50 25.98 4.85 -16.55
C GLY A 50 24.92 5.62 -15.80
N PHE A 51 24.67 6.87 -16.20
CA PHE A 51 23.63 7.66 -15.55
C PHE A 51 22.25 7.03 -15.72
N VAL A 52 21.94 6.55 -16.93
CA VAL A 52 20.66 5.92 -17.18
C VAL A 52 20.52 4.66 -16.34
N LEU A 53 21.57 3.85 -16.28
CA LEU A 53 21.53 2.62 -15.49
C LEU A 53 21.31 2.93 -14.01
N TRP A 54 22.01 3.94 -13.49
CA TRP A 54 21.85 4.30 -12.08
C TRP A 54 20.44 4.80 -11.79
N LEU A 55 19.90 5.67 -12.65
CA LEU A 55 18.56 6.20 -12.39
C LEU A 55 17.49 5.13 -12.50
N LEU A 56 17.59 4.25 -13.50
CA LEU A 56 16.54 3.26 -13.72
C LEU A 56 16.77 1.95 -12.97
N GLY A 57 17.88 1.82 -12.25
CA GLY A 57 18.14 0.60 -11.49
C GLY A 57 17.27 0.49 -10.25
N PHE A 58 17.47 1.38 -9.29
CA PHE A 58 16.68 1.39 -8.07
C PHE A 58 16.21 2.76 -7.64
N ARG A 59 16.72 3.84 -8.22
CA ARG A 59 16.31 5.18 -7.80
C ARG A 59 14.85 5.46 -8.13
N MET A 60 14.40 5.03 -9.31
CA MET A 60 13.05 5.30 -9.80
C MET A 60 12.27 4.01 -9.96
N ARG A 61 11.01 4.14 -10.36
CA ARG A 61 10.13 3.00 -10.57
C ARG A 61 10.33 2.45 -11.98
N ARG A 62 9.45 1.54 -12.40
CA ARG A 62 9.59 0.91 -13.71
C ARG A 62 8.21 0.50 -14.22
N ASN A 63 7.83 1.05 -15.37
CA ASN A 63 6.63 0.66 -16.09
C ASN A 63 7.01 -0.34 -17.18
N ALA A 64 6.05 -0.64 -18.07
CA ALA A 64 6.30 -1.56 -19.18
C ALA A 64 7.27 -0.98 -20.21
N PHE A 65 7.58 0.31 -20.13
CA PHE A 65 8.47 0.97 -21.09
C PHE A 65 9.91 1.10 -20.59
N SER A 66 10.17 0.84 -19.31
CA SER A 66 11.48 1.04 -18.74
C SER A 66 12.39 -0.18 -18.84
N VAL A 67 11.79 -1.38 -18.91
CA VAL A 67 12.60 -2.60 -19.02
C VAL A 67 13.39 -2.60 -20.32
N TYR A 68 12.74 -2.22 -21.43
CA TYR A 68 13.41 -2.16 -22.71
C TYR A 68 14.52 -1.11 -22.71
N VAL A 69 14.26 0.04 -22.08
CA VAL A 69 15.28 1.08 -22.01
C VAL A 69 16.50 0.58 -21.23
N LEU A 70 16.26 -0.11 -20.11
CA LEU A 70 17.37 -0.64 -19.31
C LEU A 70 18.18 -1.67 -20.10
N SER A 71 17.50 -2.57 -20.81
CA SER A 71 18.21 -3.57 -21.60
C SER A 71 19.03 -2.93 -22.71
N LEU A 72 18.45 -1.92 -23.38
CA LEU A 72 19.18 -1.20 -24.41
C LEU A 72 20.41 -0.50 -23.85
N ALA A 73 20.27 0.10 -22.66
CA ALA A 73 21.40 0.76 -22.04
C ALA A 73 22.51 -0.24 -21.71
N GLY A 74 22.13 -1.43 -21.22
CA GLY A 74 23.14 -2.43 -20.94
C GLY A 74 23.89 -2.88 -22.18
N ALA A 75 23.15 -3.18 -23.25
CA ALA A 75 23.80 -3.60 -24.49
C ALA A 75 24.72 -2.51 -25.02
N ASP A 76 24.26 -1.26 -24.97
CA ASP A 76 25.10 -0.11 -25.29
C ASP A 76 26.38 -0.12 -24.47
N PHE A 77 26.26 -0.39 -23.17
CA PHE A 77 27.42 -0.34 -22.29
C PHE A 77 28.47 -1.36 -22.70
N LEU A 78 28.06 -2.62 -22.89
CA LEU A 78 29.03 -3.64 -23.31
C LEU A 78 29.66 -3.29 -24.66
N PHE A 79 28.83 -2.87 -25.63
CA PHE A 79 29.36 -2.57 -26.95
C PHE A 79 30.40 -1.45 -26.89
N LEU A 80 30.08 -0.37 -26.17
CA LEU A 80 30.98 0.77 -26.12
C LEU A 80 32.25 0.45 -25.34
N CYS A 81 32.14 -0.34 -24.27
CA CYS A 81 33.34 -0.72 -23.54
C CYS A 81 34.28 -1.55 -24.40
N PHE A 82 33.74 -2.49 -25.17
CA PHE A 82 34.61 -3.31 -26.01
C PHE A 82 35.23 -2.49 -27.14
N GLN A 83 34.47 -1.53 -27.69
CA GLN A 83 35.06 -0.63 -28.66
C GLN A 83 36.20 0.19 -28.05
N ILE A 84 36.00 0.64 -26.80
CA ILE A 84 37.04 1.39 -26.09
C ILE A 84 38.30 0.55 -25.94
N ILE A 85 38.15 -0.71 -25.54
CA ILE A 85 39.33 -1.53 -25.32
C ILE A 85 40.04 -1.83 -26.64
N ASN A 86 39.29 -1.99 -27.74
CA ASN A 86 39.92 -2.17 -29.04
C ASN A 86 40.71 -0.93 -29.45
N CYS A 87 40.13 0.25 -29.25
CA CYS A 87 40.83 1.48 -29.57
C CYS A 87 42.11 1.63 -28.74
N LEU A 88 42.03 1.31 -27.45
CA LEU A 88 43.21 1.39 -26.60
C LEU A 88 44.29 0.40 -27.04
N VAL A 89 43.89 -0.80 -27.44
CA VAL A 89 44.86 -1.78 -27.92
C VAL A 89 45.58 -1.24 -29.15
N TYR A 90 44.82 -0.70 -30.11
CA TYR A 90 45.44 -0.17 -31.32
C TYR A 90 46.39 0.98 -30.99
N LEU A 91 45.96 1.90 -30.11
CA LEU A 91 46.80 3.04 -29.79
C LEU A 91 48.08 2.62 -29.07
N SER A 92 47.98 1.66 -28.16
CA SER A 92 49.17 1.17 -27.48
C SER A 92 50.11 0.47 -28.45
N ASN A 93 49.56 -0.30 -29.39
CA ASN A 93 50.43 -0.98 -30.36
C ASN A 93 51.13 0.01 -31.27
N PHE A 94 50.46 1.12 -31.63
CA PHE A 94 51.04 2.06 -32.58
C PHE A 94 51.97 3.06 -31.91
N PHE A 95 51.46 3.85 -30.95
CA PHE A 95 52.24 4.93 -30.37
C PHE A 95 53.43 4.44 -29.56
N CYS A 96 53.39 3.20 -29.07
CA CYS A 96 54.48 2.61 -28.31
C CYS A 96 54.87 1.28 -28.96
N SER A 97 55.83 0.60 -28.33
CA SER A 97 56.31 -0.67 -28.83
C SER A 97 55.59 -1.87 -28.22
N ILE A 98 54.65 -1.63 -27.32
CA ILE A 98 53.95 -2.72 -26.64
C ILE A 98 52.77 -3.16 -27.51
N SER A 99 52.79 -4.42 -27.94
CA SER A 99 51.73 -5.01 -28.74
C SER A 99 51.07 -6.13 -27.94
N ILE A 100 49.75 -6.24 -28.06
CA ILE A 100 48.97 -7.21 -27.31
C ILE A 100 48.11 -8.03 -28.26
N ASN A 101 47.74 -9.22 -27.79
CA ASN A 101 46.88 -10.13 -28.54
C ASN A 101 45.72 -10.56 -27.65
N PHE A 102 44.53 -10.65 -28.24
CA PHE A 102 43.32 -11.01 -27.53
C PHE A 102 42.56 -12.07 -28.31
N PRO A 103 41.78 -12.89 -27.62
CA PRO A 103 40.95 -13.89 -28.31
C PRO A 103 39.74 -13.23 -28.95
N SER A 104 38.87 -14.06 -29.55
CA SER A 104 37.70 -13.57 -30.26
C SER A 104 36.38 -13.86 -29.56
N PHE A 105 36.42 -14.48 -28.37
CA PHE A 105 35.22 -14.54 -27.56
C PHE A 105 34.71 -13.14 -27.22
N PHE A 106 35.65 -12.19 -27.07
CA PHE A 106 35.26 -10.78 -26.93
C PHE A 106 34.52 -10.29 -28.16
N THR A 107 34.96 -10.69 -29.35
CA THR A 107 34.25 -10.34 -30.58
C THR A 107 32.84 -10.92 -30.59
N THR A 108 32.69 -12.16 -30.14
CA THR A 108 31.36 -12.76 -30.07
C THR A 108 30.46 -12.00 -29.09
N VAL A 109 31.00 -11.60 -27.94
CA VAL A 109 30.23 -10.83 -26.97
C VAL A 109 29.80 -9.49 -27.57
N MET A 110 30.71 -8.83 -28.28
CA MET A 110 30.40 -7.57 -28.93
C MET A 110 29.28 -7.73 -29.95
N THR A 111 29.34 -8.80 -30.75
CA THR A 111 28.29 -9.06 -31.73
C THR A 111 26.95 -9.29 -31.04
N CYS A 112 26.95 -10.04 -29.95
CA CYS A 112 25.70 -10.30 -29.22
C CYS A 112 25.10 -9.00 -28.71
N ALA A 113 25.93 -8.14 -28.12
CA ALA A 113 25.43 -6.86 -27.61
C ALA A 113 24.85 -6.00 -28.73
N TYR A 114 25.55 -5.96 -29.87
CA TYR A 114 25.07 -5.19 -31.03
C TYR A 114 23.70 -5.68 -31.48
N LEU A 115 23.54 -7.00 -31.61
CA LEU A 115 22.26 -7.55 -32.07
C LEU A 115 21.15 -7.28 -31.07
N ALA A 116 21.43 -7.42 -29.76
CA ALA A 116 20.40 -7.15 -28.77
C ALA A 116 19.96 -5.69 -28.80
N GLY A 117 20.93 -4.78 -28.95
CA GLY A 117 20.59 -3.38 -29.07
C GLY A 117 19.73 -3.09 -30.29
N LEU A 118 19.97 -3.81 -31.38
CA LEU A 118 19.11 -3.61 -32.55
C LEU A 118 17.71 -4.18 -32.35
N SER A 119 17.58 -5.28 -31.61
CA SER A 119 16.25 -5.87 -31.40
C SER A 119 15.38 -5.05 -30.45
N MET A 120 16.00 -4.40 -29.45
CA MET A 120 15.20 -3.66 -28.47
C MET A 120 14.42 -2.52 -29.10
N LEU A 121 14.99 -1.86 -30.11
CA LEU A 121 14.31 -0.74 -30.75
C LEU A 121 13.05 -1.19 -31.48
N SER A 122 13.12 -2.31 -32.19
CA SER A 122 11.94 -2.86 -32.84
C SER A 122 10.88 -3.23 -31.80
N THR A 123 11.32 -3.80 -30.68
CA THR A 123 10.36 -4.12 -29.62
C THR A 123 9.64 -2.87 -29.12
N VAL A 124 10.39 -1.78 -28.90
CA VAL A 124 9.79 -0.54 -28.42
C VAL A 124 8.79 0.02 -29.43
N SER A 125 9.15 0.00 -30.71
CA SER A 125 8.24 0.51 -31.73
C SER A 125 6.94 -0.30 -31.79
N THR A 126 7.05 -1.63 -31.73
CA THR A 126 5.85 -2.47 -31.73
C THR A 126 4.99 -2.20 -30.50
N GLU A 127 5.62 -1.97 -29.34
CA GLU A 127 4.85 -1.66 -28.14
C GLU A 127 4.10 -0.34 -28.28
N ARG A 128 4.75 0.68 -28.86
CA ARG A 128 4.05 1.95 -29.10
C ARG A 128 2.83 1.74 -29.97
N CYS A 129 3.01 0.99 -31.06
CA CYS A 129 1.89 0.75 -31.97
C CYS A 129 0.75 0.03 -31.26
N LEU A 130 1.07 -0.98 -30.47
CA LEU A 130 0.03 -1.72 -29.75
C LEU A 130 -0.70 -0.84 -28.76
N SER A 131 0.02 0.02 -28.03
CA SER A 131 -0.63 0.91 -27.09
C SER A 131 -1.56 1.88 -27.79
N VAL A 132 -1.17 2.38 -28.96
CA VAL A 132 -2.02 3.33 -29.65
C VAL A 132 -3.27 2.67 -30.21
N LEU A 133 -3.13 1.50 -30.85
CA LEU A 133 -4.29 0.91 -31.53
C LEU A 133 -5.32 0.37 -30.55
N TRP A 134 -4.89 -0.27 -29.45
CA TRP A 134 -5.81 -0.86 -28.48
C TRP A 134 -5.49 -0.31 -27.10
N PRO A 135 -6.04 0.85 -26.74
CA PRO A 135 -5.66 1.46 -25.45
C PRO A 135 -6.28 0.77 -24.25
N ILE A 136 -7.54 0.36 -24.34
CA ILE A 136 -8.21 -0.25 -23.18
C ILE A 136 -7.58 -1.59 -22.84
N TRP A 137 -7.31 -2.42 -23.85
CA TRP A 137 -6.68 -3.72 -23.60
C TRP A 137 -5.29 -3.53 -23.01
N TYR A 138 -4.52 -2.58 -23.55
CA TYR A 138 -3.17 -2.34 -23.05
C TYR A 138 -3.19 -1.86 -21.61
N ARG A 139 -4.16 -1.01 -21.26
CA ARG A 139 -4.22 -0.44 -19.93
C ARG A 139 -4.78 -1.43 -18.89
N CYS A 140 -5.72 -2.29 -19.30
CA CYS A 140 -6.49 -3.07 -18.33
C CYS A 140 -6.33 -4.58 -18.42
N ARG A 141 -5.78 -5.12 -19.52
CA ARG A 141 -5.73 -6.56 -19.70
C ARG A 141 -4.37 -7.07 -20.15
N ARG A 142 -3.31 -6.30 -19.91
CA ARG A 142 -1.99 -6.75 -20.34
C ARG A 142 -1.25 -7.39 -19.17
N PRO A 143 -0.62 -8.54 -19.38
CA PRO A 143 0.12 -9.18 -18.28
C PRO A 143 1.29 -8.33 -17.81
N ARG A 144 1.66 -8.52 -16.54
CA ARG A 144 2.63 -7.66 -15.87
C ARG A 144 4.06 -8.14 -16.01
N HIS A 145 4.33 -9.23 -16.73
CA HIS A 145 5.69 -9.75 -16.87
C HIS A 145 6.07 -9.97 -18.33
N LEU A 146 5.23 -9.55 -19.28
CA LEU A 146 5.52 -9.78 -20.69
C LEU A 146 6.79 -9.06 -21.13
N SER A 147 7.06 -7.88 -20.57
CA SER A 147 8.28 -7.16 -20.92
C SER A 147 9.52 -7.97 -20.56
N ALA A 148 9.56 -8.49 -19.33
CA ALA A 148 10.70 -9.31 -18.91
C ALA A 148 10.80 -10.57 -19.75
N VAL A 149 9.66 -11.21 -20.05
CA VAL A 149 9.70 -12.43 -20.84
C VAL A 149 10.30 -12.16 -22.22
N VAL A 150 9.83 -11.11 -22.89
CA VAL A 150 10.33 -10.79 -24.22
C VAL A 150 11.81 -10.40 -24.18
N CYS A 151 12.21 -9.61 -23.18
CA CYS A 151 13.61 -9.21 -23.08
C CYS A 151 14.52 -10.43 -22.93
N VAL A 152 14.14 -11.34 -22.03
CA VAL A 152 14.95 -12.54 -21.79
C VAL A 152 15.02 -13.40 -23.04
N LEU A 153 13.88 -13.60 -23.71
CA LEU A 153 13.87 -14.44 -24.90
C LEU A 153 14.73 -13.85 -26.01
N LEU A 154 14.64 -12.53 -26.22
CA LEU A 154 15.44 -11.90 -27.27
C LEU A 154 16.93 -11.97 -26.94
N TRP A 155 17.31 -11.73 -25.68
CA TRP A 155 18.70 -11.84 -25.29
C TRP A 155 19.22 -13.25 -25.52
N ALA A 156 18.43 -14.26 -25.15
CA ALA A 156 18.84 -15.65 -25.33
C ALA A 156 19.03 -15.98 -26.81
N LEU A 157 18.09 -15.56 -27.66
CA LEU A 157 18.21 -15.86 -29.08
C LEU A 157 19.42 -15.17 -29.69
N SER A 158 19.66 -13.90 -29.33
CA SER A 158 20.83 -13.19 -29.85
C SER A 158 22.13 -13.86 -29.42
N LEU A 159 22.22 -14.26 -28.15
CA LEU A 159 23.42 -14.94 -27.68
C LEU A 159 23.61 -16.27 -28.41
N LEU A 160 22.53 -17.03 -28.60
CA LEU A 160 22.64 -18.30 -29.31
C LEU A 160 23.15 -18.09 -30.73
N LEU A 161 22.59 -17.12 -31.45
CA LEU A 161 23.01 -16.89 -32.82
C LEU A 161 24.46 -16.42 -32.88
N SER A 162 24.86 -15.54 -31.96
CA SER A 162 26.25 -15.07 -31.95
C SER A 162 27.22 -16.20 -31.68
N ILE A 163 26.90 -17.07 -30.71
CA ILE A 163 27.78 -18.19 -30.39
C ILE A 163 27.86 -19.16 -31.57
N LEU A 164 26.72 -19.48 -32.18
CA LEU A 164 26.72 -20.41 -33.31
C LEU A 164 27.50 -19.84 -34.49
N GLU A 165 27.47 -18.53 -34.70
CA GLU A 165 28.28 -17.93 -35.75
C GLU A 165 29.76 -17.98 -35.40
N GLY A 166 30.10 -17.62 -34.16
CA GLY A 166 31.51 -17.57 -33.77
C GLY A 166 32.19 -18.92 -33.78
N LYS A 167 31.48 -19.98 -33.37
CA LYS A 167 32.11 -21.29 -33.30
C LYS A 167 32.53 -21.79 -34.67
N PHE A 168 31.66 -21.64 -35.68
CA PHE A 168 31.89 -22.24 -36.99
C PHE A 168 32.66 -21.33 -37.94
N CYS A 169 33.16 -20.19 -37.47
CA CYS A 169 33.88 -19.26 -38.33
C CYS A 169 35.27 -18.95 -37.81
N GLY A 170 35.76 -19.72 -36.83
CA GLY A 170 37.14 -19.64 -36.40
C GLY A 170 37.41 -18.69 -35.25
N PHE A 171 36.43 -17.88 -34.83
CA PHE A 171 36.66 -16.97 -33.72
C PHE A 171 36.96 -17.72 -32.43
N LEU A 172 36.22 -18.80 -32.16
CA LEU A 172 36.45 -19.58 -30.96
C LEU A 172 37.71 -20.42 -31.12
N PHE A 173 38.11 -21.09 -30.04
CA PHE A 173 39.34 -21.89 -30.03
C PHE A 173 39.10 -23.23 -30.73
N SER A 174 38.91 -23.14 -32.04
CA SER A 174 38.66 -24.31 -32.90
C SER A 174 38.86 -23.87 -34.34
N ASP A 175 38.45 -24.74 -35.27
CA ASP A 175 38.52 -24.46 -36.69
C ASP A 175 37.22 -24.86 -37.35
N GLY A 176 36.95 -24.28 -38.52
CA GLY A 176 35.71 -24.56 -39.22
C GLY A 176 35.81 -24.19 -40.69
N ASP A 177 34.73 -24.48 -41.40
CA ASP A 177 34.66 -24.26 -42.84
C ASP A 177 34.39 -22.79 -43.14
N SER A 178 34.29 -22.46 -44.42
CA SER A 178 33.94 -21.13 -44.88
C SER A 178 32.48 -20.99 -45.30
N GLY A 179 31.91 -22.05 -45.88
CA GLY A 179 30.52 -22.00 -46.29
C GLY A 179 29.56 -21.80 -45.13
N TRP A 180 29.84 -22.46 -44.00
CA TRP A 180 28.99 -22.28 -42.82
C TRP A 180 29.05 -20.86 -42.29
N CYS A 181 30.25 -20.27 -42.24
CA CYS A 181 30.37 -18.88 -41.80
C CYS A 181 29.62 -17.94 -42.75
N GLN A 182 29.75 -18.16 -44.06
CA GLN A 182 29.03 -17.33 -45.02
C GLN A 182 27.53 -17.45 -44.85
N THR A 183 27.03 -18.68 -44.67
CA THR A 183 25.60 -18.88 -44.49
C THR A 183 25.09 -18.23 -43.21
N PHE A 184 25.87 -18.32 -42.13
CA PHE A 184 25.45 -17.69 -40.88
C PHE A 184 25.43 -16.17 -41.00
N ASP A 185 26.41 -15.60 -41.71
CA ASP A 185 26.39 -14.17 -41.97
C ASP A 185 25.16 -13.78 -42.78
N PHE A 186 24.80 -14.60 -43.76
CA PHE A 186 23.62 -14.31 -44.57
C PHE A 186 22.34 -14.34 -43.74
N ILE A 187 22.20 -15.33 -42.86
CA ILE A 187 20.99 -15.39 -42.04
C ILE A 187 20.95 -14.24 -41.04
N THR A 188 22.11 -13.81 -40.52
CA THR A 188 22.13 -12.63 -39.67
C THR A 188 21.69 -11.38 -40.42
N ALA A 189 22.12 -11.25 -41.67
CA ALA A 189 21.67 -10.14 -42.50
C ALA A 189 20.15 -10.18 -42.72
N ALA A 190 19.62 -11.37 -42.96
CA ALA A 190 18.16 -11.51 -43.13
C ALA A 190 17.44 -11.10 -41.84
N TRP A 191 18.01 -11.45 -40.69
CA TRP A 191 17.44 -11.03 -39.41
C TRP A 191 17.41 -9.50 -39.29
N LEU A 192 18.50 -8.85 -39.69
CA LEU A 192 18.52 -7.39 -39.65
C LEU A 192 17.46 -6.78 -40.55
N ILE A 193 17.29 -7.33 -41.76
CA ILE A 193 16.27 -6.82 -42.67
C ILE A 193 14.88 -7.00 -42.07
N PHE A 194 14.64 -8.14 -41.44
CA PHE A 194 13.36 -8.37 -40.79
C PHE A 194 13.09 -7.35 -39.69
N LEU A 195 14.11 -7.05 -38.88
CA LEU A 195 13.93 -6.05 -37.82
C LEU A 195 13.58 -4.68 -38.40
N PHE A 196 14.27 -4.28 -39.46
CA PHE A 196 13.98 -2.99 -40.08
C PHE A 196 12.55 -2.95 -40.63
N MET A 197 12.13 -4.05 -41.26
CA MET A 197 10.77 -4.09 -41.80
C MET A 197 9.73 -3.97 -40.69
N VAL A 198 9.96 -4.65 -39.56
CA VAL A 198 9.03 -4.54 -38.44
C VAL A 198 8.95 -3.11 -37.94
N LEU A 199 10.10 -2.46 -37.78
CA LEU A 199 10.12 -1.07 -37.32
C LEU A 199 9.31 -0.18 -38.26
N CYS A 200 9.57 -0.27 -39.56
CA CYS A 200 8.89 0.60 -40.52
C CYS A 200 7.39 0.34 -40.53
N GLY A 201 6.97 -0.92 -40.53
CA GLY A 201 5.56 -1.22 -40.54
C GLY A 201 4.84 -0.70 -39.32
N SER A 202 5.43 -0.89 -38.13
CA SER A 202 4.79 -0.42 -36.91
C SER A 202 4.65 1.10 -36.91
N SER A 203 5.71 1.80 -37.31
CA SER A 203 5.64 3.27 -37.33
C SER A 203 4.58 3.75 -38.31
N LEU A 204 4.51 3.12 -39.49
CA LEU A 204 3.51 3.53 -40.48
C LEU A 204 2.09 3.30 -39.95
N ALA A 205 1.85 2.15 -39.32
CA ALA A 205 0.52 1.87 -38.80
C ALA A 205 0.12 2.88 -37.73
N LEU A 206 1.03 3.18 -36.81
CA LEU A 206 0.72 4.17 -35.77
C LEU A 206 0.40 5.53 -36.37
N LEU A 207 1.22 5.96 -37.33
CA LEU A 207 1.01 7.28 -37.92
C LEU A 207 -0.31 7.36 -38.67
N VAL A 208 -0.65 6.32 -39.44
CA VAL A 208 -1.92 6.32 -40.16
C VAL A 208 -3.09 6.33 -39.18
N ARG A 209 -3.00 5.56 -38.10
CA ARG A 209 -4.10 5.52 -37.13
C ARG A 209 -4.29 6.90 -36.48
N ILE A 210 -3.20 7.57 -36.15
CA ILE A 210 -3.33 8.90 -35.54
C ILE A 210 -3.90 9.90 -36.54
N LEU A 211 -3.45 9.86 -37.79
CA LEU A 211 -3.91 10.85 -38.77
C LEU A 211 -5.38 10.65 -39.12
N CYS A 212 -5.77 9.42 -39.44
CA CYS A 212 -7.15 9.15 -39.88
C CYS A 212 -8.08 8.99 -38.67
N GLY A 213 -8.17 10.06 -37.89
CA GLY A 213 -9.00 10.05 -36.70
C GLY A 213 -9.11 11.42 -36.04
N LEU A 219 1.10 17.30 -32.13
CA LEU A 219 1.22 16.35 -33.23
C LEU A 219 2.60 16.44 -33.86
N THR A 220 3.24 17.60 -33.74
CA THR A 220 4.57 17.79 -34.29
C THR A 220 5.60 16.93 -33.55
N ARG A 221 5.45 16.80 -32.24
CA ARG A 221 6.39 15.98 -31.47
C ARG A 221 6.34 14.52 -31.92
N LEU A 222 5.15 14.01 -32.21
CA LEU A 222 5.03 12.65 -32.73
C LEU A 222 5.76 12.50 -34.06
N TYR A 223 5.56 13.46 -34.97
CA TYR A 223 6.26 13.45 -36.24
C TYR A 223 7.76 13.39 -36.05
N LEU A 224 8.29 14.30 -35.22
CA LEU A 224 9.73 14.36 -34.99
C LEU A 224 10.24 13.05 -34.40
N THR A 225 9.53 12.50 -33.41
CA THR A 225 9.99 11.27 -32.78
C THR A 225 10.06 10.13 -33.79
N ILE A 226 8.99 9.93 -34.56
CA ILE A 226 8.98 8.80 -35.51
C ILE A 226 10.06 8.98 -36.57
N LEU A 227 10.14 10.17 -37.16
CA LEU A 227 11.09 10.41 -38.24
C LEU A 227 12.52 10.23 -37.75
N LEU A 228 12.84 10.84 -36.60
CA LEU A 228 14.18 10.76 -36.06
C LEU A 228 14.54 9.33 -35.71
N THR A 229 13.62 8.58 -35.10
CA THR A 229 13.92 7.20 -34.74
C THR A 229 14.23 6.37 -35.99
N VAL A 230 13.40 6.48 -37.03
CA VAL A 230 13.60 5.64 -38.21
C VAL A 230 14.92 5.98 -38.89
N LEU A 231 15.18 7.27 -39.12
CA LEU A 231 16.42 7.65 -39.82
C LEU A 231 17.66 7.35 -38.99
N VAL A 232 17.63 7.59 -37.68
CA VAL A 232 18.80 7.28 -36.86
C VAL A 232 19.07 5.79 -36.89
N PHE A 233 18.02 4.97 -36.67
CA PHE A 233 18.19 3.51 -36.78
C PHE A 233 18.88 3.15 -38.06
N LEU A 234 18.29 3.50 -39.21
CA LEU A 234 18.87 3.11 -40.48
C LEU A 234 20.33 3.58 -40.60
N LEU A 235 20.51 4.90 -40.66
CA LEU A 235 21.76 5.51 -41.07
C LEU A 235 22.88 5.38 -40.04
N CYS A 236 22.58 4.91 -38.82
CA CYS A 236 23.65 4.77 -37.83
C CYS A 236 23.66 3.39 -37.17
N GLY A 237 22.82 2.46 -37.61
CA GLY A 237 22.90 1.12 -37.07
C GLY A 237 23.09 0.05 -38.13
N LEU A 238 22.68 0.31 -39.37
CA LEU A 238 22.87 -0.74 -40.37
C LEU A 238 24.30 -0.85 -40.92
N PRO A 239 25.05 0.25 -41.12
CA PRO A 239 26.33 0.14 -41.85
C PRO A 239 27.30 -0.90 -41.31
N PHE A 240 27.45 -1.00 -39.98
CA PHE A 240 28.42 -1.95 -39.43
C PHE A 240 28.03 -3.39 -39.80
N GLY A 241 26.78 -3.75 -39.57
CA GLY A 241 26.34 -5.10 -39.90
C GLY A 241 26.42 -5.38 -41.39
N ILE A 242 26.07 -4.38 -42.22
CA ILE A 242 26.14 -4.59 -43.66
C ILE A 242 27.58 -4.86 -44.09
N GLN A 243 28.51 -4.00 -43.67
CA GLN A 243 29.90 -4.18 -44.07
C GLN A 243 30.52 -5.44 -43.46
N TRP A 244 30.00 -5.91 -42.33
CA TRP A 244 30.58 -7.09 -41.67
C TRP A 244 29.95 -8.39 -42.13
N PHE A 245 28.80 -8.36 -42.81
CA PHE A 245 28.15 -9.60 -43.21
C PHE A 245 27.81 -9.73 -44.69
N LEU A 246 27.90 -8.66 -45.50
CA LEU A 246 27.57 -8.78 -46.92
C LEU A 246 28.75 -8.43 -47.82
N ILE A 247 29.33 -7.24 -47.66
CA ILE A 247 30.29 -6.74 -48.63
C ILE A 247 31.55 -7.59 -48.63
N LEU A 248 31.95 -8.09 -47.46
CA LEU A 248 33.16 -8.90 -47.38
C LEU A 248 33.06 -10.14 -48.26
N TRP A 249 31.86 -10.68 -48.43
CA TRP A 249 31.67 -11.90 -49.20
C TRP A 249 31.21 -11.64 -50.62
N ILE A 250 30.54 -10.52 -50.88
CA ILE A 250 30.03 -10.25 -52.22
C ILE A 250 31.11 -9.64 -53.10
N TRP A 251 31.70 -8.53 -52.67
CA TRP A 251 32.78 -7.90 -53.40
C TRP A 251 34.04 -8.75 -53.34
N ASP A 255 41.27 -6.01 -50.42
CA ASP A 255 41.61 -5.99 -49.01
C ASP A 255 42.28 -4.68 -48.63
N VAL A 256 42.21 -3.70 -49.54
CA VAL A 256 42.80 -2.39 -49.30
C VAL A 256 41.77 -1.35 -48.87
N LEU A 257 40.48 -1.65 -49.01
CA LEU A 257 39.41 -0.74 -48.61
C LEU A 257 38.99 -0.93 -47.16
N PHE A 258 39.66 -1.80 -46.42
CA PHE A 258 39.35 -1.98 -45.00
C PHE A 258 39.49 -0.67 -44.25
N CYS A 259 40.63 0.01 -44.42
CA CYS A 259 40.86 1.28 -43.76
C CYS A 259 39.93 2.38 -44.26
N HIS A 260 39.24 2.16 -45.39
CA HIS A 260 38.32 3.15 -45.94
C HIS A 260 36.86 2.89 -45.58
N ILE A 261 36.51 1.66 -45.17
CA ILE A 261 35.13 1.33 -44.89
C ILE A 261 34.88 0.91 -43.45
N HIS A 262 35.86 0.39 -42.72
CA HIS A 262 35.61 -0.09 -41.36
C HIS A 262 35.56 1.05 -40.34
N PRO A 263 36.51 1.99 -40.34
CA PRO A 263 36.42 3.09 -39.36
C PRO A 263 35.14 3.90 -39.46
N VAL A 264 34.64 4.15 -40.67
CA VAL A 264 33.40 4.91 -40.83
C VAL A 264 32.22 4.15 -40.22
N SER A 265 32.15 2.84 -40.48
CA SER A 265 31.09 2.02 -39.92
C SER A 265 31.14 2.02 -38.39
N VAL A 266 32.33 1.88 -37.83
CA VAL A 266 32.46 1.87 -36.38
C VAL A 266 32.07 3.22 -35.78
N VAL A 267 32.46 4.31 -36.46
CA VAL A 267 32.10 5.64 -35.99
C VAL A 267 30.59 5.80 -35.95
N LEU A 268 29.92 5.39 -37.02
CA LEU A 268 28.47 5.54 -37.08
C LEU A 268 27.78 4.70 -36.01
N SER A 269 28.22 3.46 -35.82
CA SER A 269 27.59 2.60 -34.81
C SER A 269 27.81 3.15 -33.41
N SER A 270 29.02 3.64 -33.12
CA SER A 270 29.29 4.24 -31.81
C SER A 270 28.43 5.48 -31.61
N LEU A 271 28.26 6.28 -32.66
CA LEU A 271 27.41 7.47 -32.55
C LEU A 271 25.97 7.09 -32.23
N ASN A 272 25.45 6.07 -32.90
CA ASN A 272 24.08 5.62 -32.61
C ASN A 272 23.95 5.13 -31.17
N SER A 273 24.91 4.32 -30.74
CA SER A 273 24.84 3.75 -29.40
C SER A 273 24.98 4.83 -28.34
N SER A 274 25.75 5.88 -28.62
CA SER A 274 25.87 6.99 -27.68
C SER A 274 24.64 7.87 -27.68
N ALA A 275 23.98 8.04 -28.83
CA ALA A 275 22.82 8.91 -28.93
C ALA A 275 21.51 8.25 -28.49
N ASN A 276 21.48 6.93 -28.35
CA ASN A 276 20.24 6.27 -27.91
C ASN A 276 19.73 6.80 -26.56
N PRO A 277 20.55 6.97 -25.52
CA PRO A 277 20.00 7.47 -24.23
C PRO A 277 19.31 8.82 -24.34
N ILE A 278 19.94 9.81 -24.98
CA ILE A 278 19.35 11.14 -25.06
C ILE A 278 18.09 11.17 -25.91
N ILE A 279 17.83 10.12 -26.69
CA ILE A 279 16.61 10.06 -27.48
C ILE A 279 15.50 9.31 -26.75
N TYR A 280 15.84 8.26 -25.99
CA TYR A 280 14.81 7.43 -25.40
C TYR A 280 14.52 7.73 -23.93
N PHE A 281 15.43 8.38 -23.21
CA PHE A 281 15.22 8.64 -21.79
C PHE A 281 15.25 10.11 -21.43
N PHE A 282 16.27 10.85 -21.87
CA PHE A 282 16.50 12.20 -21.35
C PHE A 282 15.50 13.20 -21.89
N VAL A 283 15.17 13.10 -23.18
CA VAL A 283 14.26 14.08 -23.77
C VAL A 283 12.86 13.97 -23.16
N GLY A 284 12.47 12.76 -22.76
CA GLY A 284 11.15 12.59 -22.15
C GLY A 284 11.03 13.29 -20.80
N SER A 285 12.09 13.22 -19.99
CA SER A 285 12.08 13.84 -18.67
C SER A 285 12.57 15.29 -18.76
N PHE A 286 11.78 16.09 -19.48
CA PHE A 286 12.08 17.52 -19.68
C PHE A 286 13.47 17.73 -20.28
N LYS B 3 37.88 -15.80 -41.33
CA LYS B 3 37.25 -14.53 -41.66
C LYS B 3 38.20 -13.36 -41.48
N ASN B 4 38.04 -12.64 -40.37
CA ASN B 4 38.86 -11.46 -40.11
C ASN B 4 38.75 -11.11 -38.63
N PHE B 5 39.85 -10.59 -38.08
CA PHE B 5 39.88 -10.06 -36.73
C PHE B 5 40.17 -8.57 -36.81
N PHE B 6 39.30 -7.76 -36.20
CA PHE B 6 39.39 -6.32 -36.26
C PHE B 6 40.13 -5.73 -35.06
N TRP B 7 40.74 -6.57 -34.22
CA TRP B 7 41.47 -6.07 -33.06
C TRP B 7 42.73 -5.31 -33.46
N LYS B 8 43.21 -5.48 -34.68
CA LYS B 8 44.36 -4.75 -35.21
C LYS B 8 45.59 -4.96 -34.35
N VAL C 5 15.50 -20.39 12.20
CA VAL C 5 14.18 -19.97 12.65
C VAL C 5 13.41 -21.14 13.23
N SER C 6 12.41 -20.84 14.05
CA SER C 6 11.59 -21.87 14.68
C SER C 6 10.55 -22.41 13.68
N ALA C 7 9.92 -23.52 14.06
CA ALA C 7 8.86 -24.08 13.22
C ALA C 7 7.66 -23.13 13.16
N GLU C 8 7.30 -22.52 14.29
CA GLU C 8 6.16 -21.62 14.31
C GLU C 8 6.40 -20.39 13.44
N ASP C 9 7.63 -19.87 13.44
CA ASP C 9 7.96 -18.75 12.56
C ASP C 9 7.81 -19.13 11.09
N LYS C 10 8.24 -20.34 10.73
CA LYS C 10 8.08 -20.80 9.36
C LYS C 10 6.61 -20.91 8.98
N ALA C 11 5.79 -21.44 9.88
CA ALA C 11 4.36 -21.54 9.60
C ALA C 11 3.73 -20.15 9.44
N ALA C 12 4.15 -19.19 10.27
CA ALA C 12 3.66 -17.83 10.13
C ALA C 12 4.06 -17.22 8.79
N ALA C 13 5.29 -17.47 8.35
CA ALA C 13 5.73 -16.98 7.04
C ALA C 13 4.90 -17.59 5.92
N GLU C 14 4.59 -18.88 6.02
CA GLU C 14 3.76 -19.52 5.00
C GLU C 14 2.35 -18.91 4.97
N ARG C 15 1.79 -18.63 6.15
CA ARG C 15 0.49 -17.97 6.22
C ARG C 15 0.54 -16.59 5.55
N SER C 16 1.61 -15.84 5.80
CA SER C 16 1.78 -14.54 5.16
C SER C 16 1.86 -14.67 3.65
N LYS C 17 2.56 -15.71 3.17
CA LYS C 17 2.65 -15.92 1.72
C LYS C 17 1.28 -16.19 1.10
N MET C 18 0.46 -17.01 1.77
CA MET C 18 -0.88 -17.26 1.27
C MET C 18 -1.71 -15.98 1.24
N ILE C 19 -1.59 -15.15 2.29
CA ILE C 19 -2.29 -13.87 2.31
C ILE C 19 -1.85 -13.01 1.13
N ASP C 20 -0.56 -12.99 0.84
CA ASP C 20 -0.05 -12.19 -0.28
C ASP C 20 -0.63 -12.68 -1.61
N LYS C 21 -0.71 -14.00 -1.79
CA LYS C 21 -1.28 -14.54 -3.02
C LYS C 21 -2.73 -14.12 -3.18
N ASN C 22 -3.52 -14.19 -2.10
CA ASN C 22 -4.91 -13.75 -2.18
C ASN C 22 -5.01 -12.27 -2.52
N LEU C 23 -4.14 -11.44 -1.92
CA LEU C 23 -4.16 -10.01 -2.21
C LEU C 23 -3.85 -9.75 -3.68
N ARG C 24 -2.86 -10.44 -4.24
CA ARG C 24 -2.53 -10.25 -5.66
C ARG C 24 -3.69 -10.65 -6.55
N GLU C 25 -4.36 -11.77 -6.23
CA GLU C 25 -5.50 -12.19 -7.04
C GLU C 25 -6.62 -11.14 -6.99
N ASP C 26 -6.89 -10.61 -5.80
CA ASP C 26 -7.95 -9.60 -5.67
C ASP C 26 -7.59 -8.34 -6.45
N GLY C 27 -6.34 -7.90 -6.39
CA GLY C 27 -5.95 -6.72 -7.13
C GLY C 27 -6.03 -6.90 -8.63
N GLU C 28 -5.61 -8.07 -9.11
CA GLU C 28 -5.74 -8.35 -10.55
C GLU C 28 -7.19 -8.36 -10.98
N LYS C 29 -8.07 -8.92 -10.15
CA LYS C 29 -9.50 -8.90 -10.47
C LYS C 29 -10.04 -7.47 -10.50
N ALA C 30 -9.61 -6.62 -9.56
CA ALA C 30 -10.12 -5.27 -9.47
C ALA C 30 -9.57 -4.34 -10.54
N ARG C 31 -8.44 -4.69 -11.16
CA ARG C 31 -7.85 -3.81 -12.17
C ARG C 31 -8.76 -3.58 -13.39
N ARG C 32 -9.73 -4.46 -13.64
CA ARG C 32 -10.48 -4.39 -14.89
C ARG C 32 -11.53 -3.28 -14.88
N THR C 33 -12.17 -3.02 -13.74
CA THR C 33 -13.31 -2.12 -13.71
C THR C 33 -12.88 -0.65 -13.81
N LEU C 34 -13.82 0.19 -14.23
CA LEU C 34 -13.61 1.62 -14.37
C LEU C 34 -14.60 2.38 -13.49
N ARG C 35 -14.12 3.45 -12.85
CA ARG C 35 -14.89 4.16 -11.84
C ARG C 35 -15.26 5.56 -12.32
N LEU C 36 -16.51 5.95 -12.07
CA LEU C 36 -17.02 7.26 -12.45
C LEU C 36 -17.68 7.93 -11.25
N LEU C 37 -17.61 9.25 -11.21
CA LEU C 37 -18.23 10.06 -10.17
C LEU C 37 -19.31 10.93 -10.80
N LEU C 38 -20.52 10.89 -10.22
CA LEU C 38 -21.67 11.61 -10.75
C LEU C 38 -21.94 12.81 -9.86
N LEU C 39 -21.87 14.02 -10.44
CA LEU C 39 -22.14 15.25 -9.73
C LEU C 39 -23.23 16.02 -10.45
N GLY C 40 -23.92 16.86 -9.69
CA GLY C 40 -25.04 17.63 -10.23
C GLY C 40 -25.85 18.23 -9.10
N ALA C 41 -26.92 18.89 -9.51
CA ALA C 41 -27.83 19.55 -8.60
C ALA C 41 -29.23 18.97 -8.74
N ASP C 42 -30.19 19.58 -8.06
CA ASP C 42 -31.58 19.18 -8.19
C ASP C 42 -32.10 19.51 -9.59
N ASN C 43 -33.36 19.13 -9.82
CA ASN C 43 -34.13 19.41 -11.05
C ASN C 43 -33.27 19.36 -12.30
N SER C 44 -32.38 18.36 -12.39
CA SER C 44 -31.50 18.19 -13.53
C SER C 44 -31.61 16.82 -14.17
N GLY C 45 -32.46 15.94 -13.66
CA GLY C 45 -32.57 14.59 -14.20
C GLY C 45 -31.31 13.78 -14.00
N LYS C 46 -30.63 13.97 -12.88
CA LYS C 46 -29.34 13.31 -12.66
C LYS C 46 -29.48 11.80 -12.52
N SER C 47 -30.58 11.33 -11.93
CA SER C 47 -30.76 9.91 -11.62
C SER C 47 -31.30 9.10 -12.79
N THR C 48 -31.59 9.73 -13.93
CA THR C 48 -32.19 9.03 -15.07
C THR C 48 -31.37 9.28 -16.33
N ILE C 49 -30.05 9.16 -16.22
CA ILE C 49 -29.17 9.32 -17.38
C ILE C 49 -28.96 7.98 -18.07
N VAL C 50 -28.52 6.98 -17.32
CA VAL C 50 -28.28 5.65 -17.87
C VAL C 50 -29.54 4.82 -17.63
N LYS C 51 -30.19 4.41 -18.70
CA LYS C 51 -31.43 3.64 -18.61
C LYS C 51 -31.21 2.21 -19.09
N GLY C 68 -25.95 7.25 2.01
CA GLY C 68 -24.59 7.69 1.79
C GLY C 68 -24.17 7.62 0.34
N ILE C 69 -23.95 6.40 -0.16
CA ILE C 69 -23.52 6.17 -1.54
C ILE C 69 -24.56 5.29 -2.22
N PHE C 70 -25.03 5.73 -3.38
CA PHE C 70 -25.93 4.95 -4.22
C PHE C 70 -25.14 4.52 -5.46
N GLU C 71 -24.75 3.26 -5.51
CA GLU C 71 -23.92 2.74 -6.58
C GLU C 71 -24.79 2.23 -7.74
N THR C 72 -24.17 2.18 -8.91
CA THR C 72 -24.83 1.72 -10.13
C THR C 72 -23.80 1.03 -11.01
N LYS C 73 -24.15 -0.12 -11.58
CA LYS C 73 -23.26 -0.89 -12.42
C LYS C 73 -23.88 -1.11 -13.79
N PHE C 74 -23.06 -1.00 -14.83
CA PHE C 74 -23.49 -1.30 -16.19
C PHE C 74 -22.25 -1.61 -17.01
N GLN C 75 -22.46 -2.29 -18.14
CA GLN C 75 -21.37 -2.67 -19.01
C GLN C 75 -21.75 -2.45 -20.47
N VAL C 76 -20.75 -2.07 -21.27
CA VAL C 76 -20.91 -1.92 -22.71
C VAL C 76 -19.66 -2.47 -23.39
N ASP C 77 -19.86 -3.26 -24.45
CA ASP C 77 -18.76 -3.86 -25.22
C ASP C 77 -17.81 -4.63 -24.31
N LYS C 78 -18.38 -5.38 -23.37
CA LYS C 78 -17.62 -6.23 -22.45
C LYS C 78 -16.65 -5.43 -21.59
N VAL C 79 -17.05 -4.22 -21.20
CA VAL C 79 -16.27 -3.38 -20.30
C VAL C 79 -17.19 -2.93 -19.17
N ASN C 80 -16.76 -3.16 -17.93
CA ASN C 80 -17.58 -2.89 -16.76
C ASN C 80 -17.38 -1.46 -16.26
N PHE C 81 -18.48 -0.83 -15.86
CA PHE C 81 -18.47 0.52 -15.31
C PHE C 81 -19.11 0.50 -13.93
N HIS C 82 -18.68 1.41 -13.06
CA HIS C 82 -19.17 1.47 -11.69
C HIS C 82 -19.32 2.94 -11.30
N MET C 83 -20.54 3.35 -11.00
CA MET C 83 -20.89 4.76 -10.85
C MET C 83 -21.20 5.08 -9.39
N PHE C 84 -20.82 6.28 -8.96
CA PHE C 84 -21.01 6.71 -7.57
C PHE C 84 -21.68 8.08 -7.53
N ASP C 85 -22.58 8.25 -6.57
CA ASP C 85 -23.08 9.58 -6.21
C ASP C 85 -23.15 9.68 -4.69
N VAL C 86 -23.03 10.90 -4.19
CA VAL C 86 -23.00 11.17 -2.76
C VAL C 86 -24.18 12.07 -2.41
N GLY C 87 -24.97 11.65 -1.43
CA GLY C 87 -26.13 12.40 -1.02
C GLY C 87 -26.54 12.14 0.42
N ARG C 93 -18.39 20.50 0.02
CA ARG C 93 -17.89 19.25 -0.54
C ARG C 93 -16.39 19.33 -0.77
N ARG C 94 -15.78 20.40 -0.28
CA ARG C 94 -14.36 20.63 -0.52
C ARG C 94 -13.45 19.64 0.21
N LYS C 95 -13.98 18.84 1.13
CA LYS C 95 -13.15 17.96 1.92
C LYS C 95 -13.19 16.51 1.44
N TRP C 96 -14.36 15.96 1.17
CA TRP C 96 -14.45 14.58 0.73
C TRP C 96 -14.21 14.42 -0.77
N ILE C 97 -13.98 15.51 -1.50
CA ILE C 97 -13.68 15.43 -2.91
C ILE C 97 -12.29 14.88 -3.19
N GLN C 98 -11.42 14.82 -2.17
CA GLN C 98 -10.08 14.31 -2.36
C GLN C 98 -10.04 12.80 -2.55
N CYS C 99 -11.08 12.09 -2.13
CA CYS C 99 -11.11 10.64 -2.30
C CYS C 99 -11.13 10.26 -3.78
N PHE C 100 -11.89 11.01 -4.59
CA PHE C 100 -12.04 10.72 -6.01
C PHE C 100 -10.97 11.44 -6.82
N ASN C 101 -9.72 11.22 -6.42
CA ASN C 101 -8.56 11.81 -7.08
C ASN C 101 -8.06 10.94 -8.23
N ASP C 102 -8.50 9.69 -8.31
CA ASP C 102 -7.99 8.74 -9.30
C ASP C 102 -9.13 8.08 -10.09
N VAL C 103 -10.26 8.78 -10.22
CA VAL C 103 -11.35 8.25 -11.04
C VAL C 103 -11.05 8.49 -12.51
N THR C 104 -11.72 7.72 -13.37
CA THR C 104 -11.51 7.86 -14.81
C THR C 104 -12.10 9.17 -15.33
N ALA C 105 -13.29 9.54 -14.88
CA ALA C 105 -13.94 10.74 -15.38
C ALA C 105 -14.96 11.23 -14.36
N ILE C 106 -15.47 12.44 -14.60
CA ILE C 106 -16.52 13.04 -13.80
C ILE C 106 -17.66 13.44 -14.74
N ILE C 107 -18.88 13.10 -14.35
CA ILE C 107 -20.08 13.39 -15.15
C ILE C 107 -20.82 14.54 -14.48
N PHE C 108 -21.01 15.63 -15.22
CA PHE C 108 -21.68 16.82 -14.74
C PHE C 108 -23.00 17.00 -15.49
N VAL C 109 -24.09 17.14 -14.74
CA VAL C 109 -25.43 17.23 -15.31
C VAL C 109 -25.98 18.62 -14.99
N VAL C 110 -26.56 19.27 -16.00
CA VAL C 110 -27.09 20.62 -15.87
C VAL C 110 -28.43 20.69 -16.58
N ASP C 111 -29.42 21.30 -15.92
CA ASP C 111 -30.69 21.61 -16.57
C ASP C 111 -30.52 22.88 -17.38
N SER C 112 -30.81 22.81 -18.68
CA SER C 112 -30.58 23.92 -19.61
C SER C 112 -31.89 24.55 -20.06
N SER C 113 -32.87 24.64 -19.16
CA SER C 113 -34.14 25.27 -19.46
C SER C 113 -34.57 26.32 -18.43
N ASP C 114 -34.08 26.27 -17.20
CA ASP C 114 -34.43 27.24 -16.18
C ASP C 114 -33.37 28.35 -16.19
N TYR C 115 -33.65 29.43 -16.91
CA TYR C 115 -32.66 30.47 -17.12
C TYR C 115 -32.21 31.14 -15.82
N ASN C 116 -33.02 31.08 -14.77
CA ASN C 116 -32.69 31.78 -13.54
C ASN C 116 -31.53 31.13 -12.78
N ARG C 117 -31.08 29.93 -13.18
CA ARG C 117 -30.08 29.22 -12.41
C ARG C 117 -28.88 28.75 -13.23
N LEU C 118 -28.73 29.21 -14.48
CA LEU C 118 -27.52 28.86 -15.21
C LEU C 118 -26.29 29.52 -14.62
N GLN C 119 -26.43 30.67 -13.97
CA GLN C 119 -25.26 31.29 -13.34
C GLN C 119 -24.76 30.45 -12.17
N GLU C 120 -25.69 29.89 -11.38
CA GLU C 120 -25.29 28.99 -10.31
C GLU C 120 -24.56 27.76 -10.85
N ALA C 121 -25.09 27.17 -11.93
CA ALA C 121 -24.45 26.01 -12.53
C ALA C 121 -23.07 26.36 -13.08
N LEU C 122 -22.94 27.53 -13.70
CA LEU C 122 -21.65 27.95 -14.23
C LEU C 122 -20.64 28.15 -13.11
N ASN C 123 -21.07 28.76 -12.00
CA ASN C 123 -20.18 28.93 -10.86
C ASN C 123 -19.75 27.59 -10.28
N ASP C 124 -20.69 26.65 -10.18
CA ASP C 124 -20.35 25.32 -9.69
C ASP C 124 -19.36 24.61 -10.60
N PHE C 125 -19.57 24.72 -11.92
CA PHE C 125 -18.64 24.12 -12.88
C PHE C 125 -17.26 24.76 -12.79
N LYS C 126 -17.21 26.08 -12.61
CA LYS C 126 -15.92 26.75 -12.45
C LYS C 126 -15.22 26.32 -11.17
N SER C 127 -15.97 26.14 -10.08
CA SER C 127 -15.37 25.68 -8.83
C SER C 127 -14.84 24.26 -8.97
N ILE C 128 -15.57 23.40 -9.68
CA ILE C 128 -15.11 22.02 -9.84
C ILE C 128 -13.98 21.89 -10.86
N TRP C 129 -13.86 22.83 -11.80
CA TRP C 129 -12.84 22.74 -12.84
C TRP C 129 -11.46 23.14 -12.33
N ASN C 130 -11.39 24.03 -11.33
CA ASN C 130 -10.13 24.58 -10.86
C ASN C 130 -9.72 24.03 -9.49
N ASN C 131 -10.25 22.87 -9.11
CA ASN C 131 -9.87 22.28 -7.83
C ASN C 131 -8.44 21.78 -7.87
N ARG C 132 -7.78 21.86 -6.72
CA ARG C 132 -6.37 21.48 -6.62
C ARG C 132 -6.17 19.98 -6.83
N TRP C 133 -7.07 19.16 -6.28
CA TRP C 133 -6.93 17.71 -6.37
C TRP C 133 -7.57 17.13 -7.62
N LEU C 134 -8.13 17.95 -8.49
CA LEU C 134 -8.84 17.51 -9.67
C LEU C 134 -8.21 18.10 -10.94
N ARG C 135 -6.88 18.22 -10.94
CA ARG C 135 -6.16 18.87 -12.02
C ARG C 135 -5.81 17.92 -13.16
N THR C 136 -6.16 16.63 -13.05
CA THR C 136 -5.83 15.66 -14.08
C THR C 136 -7.03 14.77 -14.43
N ILE C 137 -8.24 15.22 -14.14
CA ILE C 137 -9.45 14.43 -14.36
C ILE C 137 -10.32 15.15 -15.39
N SER C 138 -10.73 14.42 -16.42
CA SER C 138 -11.58 14.98 -17.47
C SER C 138 -13.04 14.98 -17.03
N VAL C 139 -13.85 15.79 -17.71
CA VAL C 139 -15.25 15.98 -17.37
C VAL C 139 -16.11 15.72 -18.60
N ILE C 140 -17.17 14.95 -18.42
CA ILE C 140 -18.17 14.70 -19.45
C ILE C 140 -19.40 15.54 -19.10
N LEU C 141 -19.73 16.50 -19.96
CA LEU C 141 -20.81 17.43 -19.69
C LEU C 141 -22.09 16.97 -20.39
N PHE C 142 -23.21 17.06 -19.67
CA PHE C 142 -24.50 16.63 -20.19
C PHE C 142 -25.49 17.78 -20.00
N LEU C 143 -25.90 18.39 -21.10
CA LEU C 143 -26.91 19.45 -21.08
C LEU C 143 -28.27 18.81 -21.28
N ASN C 144 -29.03 18.70 -20.19
CA ASN C 144 -30.25 17.89 -20.16
C ASN C 144 -31.47 18.78 -20.35
N LYS C 145 -32.59 18.15 -20.69
CA LYS C 145 -33.89 18.80 -20.89
C LYS C 145 -33.82 19.84 -22.02
N GLN C 146 -33.58 19.34 -23.24
CA GLN C 146 -33.52 20.20 -24.41
C GLN C 146 -34.88 20.40 -25.06
N ASP C 147 -35.81 19.45 -24.90
CA ASP C 147 -37.15 19.63 -25.44
C ASP C 147 -37.87 20.79 -24.75
N LEU C 148 -37.72 20.91 -23.44
CA LEU C 148 -38.29 22.04 -22.72
C LEU C 148 -37.67 23.35 -23.18
N LEU C 149 -36.35 23.34 -23.44
CA LEU C 149 -35.70 24.55 -23.94
C LEU C 149 -36.25 24.95 -25.29
N ALA C 150 -36.45 23.99 -26.20
CA ALA C 150 -37.02 24.31 -27.50
C ALA C 150 -38.44 24.84 -27.36
N GLU C 151 -39.25 24.21 -26.51
CA GLU C 151 -40.62 24.66 -26.31
C GLU C 151 -40.65 26.09 -25.77
N LYS C 152 -39.78 26.40 -24.81
CA LYS C 152 -39.72 27.75 -24.27
C LYS C 152 -39.24 28.75 -25.32
N VAL C 153 -38.27 28.36 -26.15
CA VAL C 153 -37.75 29.28 -27.16
C VAL C 153 -38.83 29.62 -28.17
N LEU C 154 -39.56 28.61 -28.65
CA LEU C 154 -40.66 28.89 -29.59
C LEU C 154 -41.86 29.54 -28.92
N ALA C 155 -42.02 29.39 -27.60
CA ALA C 155 -43.13 30.05 -26.91
C ALA C 155 -42.99 31.57 -26.97
N GLY C 156 -41.77 32.08 -26.76
CA GLY C 156 -41.52 33.50 -26.87
C GLY C 156 -41.85 34.34 -25.66
N LYS C 157 -42.24 33.72 -24.54
CA LYS C 157 -42.61 34.47 -23.35
C LYS C 157 -41.43 34.80 -22.45
N SER C 158 -40.26 34.23 -22.71
CA SER C 158 -39.07 34.51 -21.92
C SER C 158 -37.89 34.78 -22.84
N LYS C 159 -37.08 35.77 -22.50
CA LYS C 159 -35.95 36.18 -23.30
C LYS C 159 -34.64 35.88 -22.56
N ILE C 160 -33.71 35.22 -23.25
CA ILE C 160 -32.41 34.92 -22.65
C ILE C 160 -31.63 36.21 -22.41
N GLU C 161 -31.79 37.19 -23.31
CA GLU C 161 -31.03 38.43 -23.20
C GLU C 161 -31.36 39.21 -21.93
N ASP C 162 -32.48 38.90 -21.28
CA ASP C 162 -32.79 39.52 -19.99
C ASP C 162 -31.78 39.14 -18.91
N TYR C 163 -31.11 38.00 -19.06
CA TYR C 163 -30.13 37.54 -18.09
C TYR C 163 -28.71 37.54 -18.63
N PHE C 164 -28.53 37.33 -19.93
CA PHE C 164 -27.22 37.40 -20.59
C PHE C 164 -27.31 38.41 -21.71
N PRO C 165 -26.93 39.68 -21.48
CA PRO C 165 -27.10 40.70 -22.53
C PRO C 165 -26.28 40.44 -23.78
N GLU C 166 -25.23 39.62 -23.71
CA GLU C 166 -24.42 39.35 -24.88
C GLU C 166 -25.13 38.47 -25.91
N PHE C 167 -26.28 37.91 -25.56
CA PHE C 167 -26.99 37.03 -26.49
C PHE C 167 -27.49 37.78 -27.72
N ALA C 168 -27.91 39.04 -27.55
CA ALA C 168 -28.41 39.81 -28.68
C ALA C 168 -27.33 40.14 -29.69
N ARG C 169 -26.06 40.10 -29.30
CA ARG C 169 -24.93 40.37 -30.18
C ARG C 169 -24.17 39.10 -30.51
N TYR C 170 -24.85 37.97 -30.53
CA TYR C 170 -24.26 36.67 -30.81
C TYR C 170 -24.81 36.12 -32.12
N THR C 171 -23.93 35.53 -32.92
CA THR C 171 -24.31 34.94 -34.19
C THR C 171 -23.74 33.53 -34.30
N THR C 172 -24.50 32.65 -34.95
CA THR C 172 -24.06 31.28 -35.14
C THR C 172 -22.84 31.24 -36.06
N PRO C 173 -21.82 30.45 -35.73
CA PRO C 173 -20.65 30.33 -36.62
C PRO C 173 -21.05 29.84 -38.01
N GLU C 174 -20.34 30.36 -39.01
CA GLU C 174 -20.69 30.07 -40.40
C GLU C 174 -20.41 28.62 -40.76
N ASP C 175 -19.17 28.19 -40.62
CA ASP C 175 -18.74 26.86 -41.05
C ASP C 175 -18.87 25.80 -39.97
N ALA C 176 -19.44 26.16 -38.81
CA ALA C 176 -19.58 25.24 -37.68
C ALA C 176 -21.00 25.29 -37.14
N THR C 177 -21.97 25.18 -38.05
CA THR C 177 -23.40 25.27 -37.71
C THR C 177 -24.12 24.03 -38.20
N PRO C 178 -23.96 22.91 -37.50
CA PRO C 178 -24.73 21.71 -37.85
C PRO C 178 -26.03 21.61 -37.05
N GLU C 179 -27.08 21.21 -37.75
CA GLU C 179 -28.40 21.08 -37.14
C GLU C 179 -29.09 19.87 -37.73
N PRO C 180 -30.05 19.30 -37.02
CA PRO C 180 -30.78 18.12 -37.54
C PRO C 180 -32.09 18.43 -38.23
N GLY C 181 -32.43 19.70 -38.45
CA GLY C 181 -33.69 20.06 -39.06
C GLY C 181 -34.59 20.87 -38.16
N GLU C 182 -33.99 21.69 -37.30
CA GLU C 182 -34.71 22.53 -36.37
C GLU C 182 -34.60 23.99 -36.76
N ASP C 183 -35.32 24.84 -36.01
CA ASP C 183 -35.30 26.27 -36.27
C ASP C 183 -33.95 26.87 -35.90
N PRO C 184 -33.50 27.90 -36.61
CA PRO C 184 -32.23 28.54 -36.25
C PRO C 184 -32.21 29.16 -34.87
N ARG C 185 -33.37 29.57 -34.35
CA ARG C 185 -33.42 30.16 -33.01
C ARG C 185 -32.99 29.16 -31.95
N VAL C 186 -33.49 27.92 -32.04
CA VAL C 186 -33.10 26.89 -31.08
C VAL C 186 -31.62 26.58 -31.20
N THR C 187 -31.10 26.56 -32.43
CA THR C 187 -29.67 26.32 -32.63
C THR C 187 -28.83 27.40 -31.98
N ARG C 188 -29.22 28.66 -32.16
CA ARG C 188 -28.50 29.76 -31.54
C ARG C 188 -28.54 29.67 -30.02
N ALA C 189 -29.73 29.36 -29.47
CA ALA C 189 -29.85 29.24 -28.02
C ALA C 189 -28.98 28.12 -27.46
N LYS C 190 -28.96 26.97 -28.14
CA LYS C 190 -28.11 25.86 -27.70
C LYS C 190 -26.63 26.21 -27.79
N TYR C 191 -26.22 26.81 -28.90
CA TYR C 191 -24.81 27.10 -29.12
C TYR C 191 -24.30 28.15 -28.13
N PHE C 192 -25.14 29.11 -27.74
CA PHE C 192 -24.72 30.09 -26.76
C PHE C 192 -24.34 29.44 -25.43
N ILE C 193 -25.19 28.55 -24.92
CA ILE C 193 -24.93 27.89 -23.65
C ILE C 193 -23.71 26.98 -23.75
N ARG C 194 -23.63 26.20 -24.84
CA ARG C 194 -22.47 25.34 -25.02
C ARG C 194 -21.19 26.15 -25.07
N LYS C 195 -21.21 27.30 -25.75
CA LYS C 195 -20.03 28.15 -25.84
C LYS C 195 -19.65 28.69 -24.47
N GLU C 196 -20.63 29.11 -23.68
CA GLU C 196 -20.32 29.58 -22.32
C GLU C 196 -19.58 28.51 -21.53
N PHE C 197 -20.11 27.29 -21.53
CA PHE C 197 -19.44 26.23 -20.76
C PHE C 197 -18.07 25.90 -21.32
N VAL C 198 -17.95 25.83 -22.65
CA VAL C 198 -16.68 25.42 -23.26
C VAL C 198 -15.61 26.48 -23.03
N ASP C 199 -15.95 27.76 -23.17
CA ASP C 199 -14.94 28.79 -22.99
C ASP C 199 -14.66 29.08 -21.52
N ILE C 200 -15.53 28.64 -20.60
CA ILE C 200 -15.09 28.57 -19.21
C ILE C 200 -14.08 27.44 -19.04
N SER C 201 -14.33 26.29 -19.69
CA SER C 201 -13.45 25.14 -19.54
C SER C 201 -12.05 25.43 -20.08
N THR C 202 -11.96 26.09 -21.24
CA THR C 202 -10.69 26.28 -21.93
C THR C 202 -9.94 27.53 -21.47
N ALA C 203 -10.44 28.24 -20.46
CA ALA C 203 -9.79 29.47 -20.02
C ALA C 203 -8.38 29.18 -19.50
N SER C 204 -8.24 28.21 -18.60
CA SER C 204 -6.94 27.87 -18.04
C SER C 204 -6.98 26.41 -17.61
N GLY C 205 -6.48 25.53 -18.47
CA GLY C 205 -6.41 24.11 -18.14
C GLY C 205 -5.07 23.48 -18.47
N ASP C 206 -4.24 24.21 -19.19
CA ASP C 206 -2.88 23.80 -19.57
C ASP C 206 -2.86 22.55 -20.47
N GLY C 207 -4.02 22.10 -20.95
CA GLY C 207 -4.07 20.96 -21.83
C GLY C 207 -3.90 19.61 -21.17
N ARG C 208 -3.92 19.54 -19.84
CA ARG C 208 -3.76 18.28 -19.13
C ARG C 208 -5.07 17.50 -18.99
N HIS C 209 -6.21 18.13 -19.24
CA HIS C 209 -7.50 17.44 -19.17
C HIS C 209 -8.52 18.19 -20.02
N ILE C 210 -9.52 17.46 -20.49
CA ILE C 210 -10.42 17.92 -21.54
C ILE C 210 -11.87 17.78 -21.06
N CYS C 211 -12.75 18.61 -21.62
CA CYS C 211 -14.17 18.59 -21.34
C CYS C 211 -14.94 18.14 -22.58
N TYR C 212 -15.91 17.25 -22.39
CA TYR C 212 -16.72 16.70 -23.49
C TYR C 212 -18.18 17.07 -23.31
N PRO C 213 -18.74 17.93 -24.16
CA PRO C 213 -20.15 18.30 -24.03
C PRO C 213 -21.08 17.45 -24.89
N HIS C 214 -22.35 17.39 -24.47
CA HIS C 214 -23.37 16.61 -25.14
C HIS C 214 -24.75 17.23 -24.89
N PHE C 215 -25.71 16.87 -25.74
CA PHE C 215 -27.10 17.31 -25.62
C PHE C 215 -27.99 16.08 -25.50
N THR C 216 -28.80 16.05 -24.42
CA THR C 216 -29.70 14.90 -24.13
C THR C 216 -31.12 15.37 -23.83
N CYS C 217 -32.07 14.46 -23.59
CA CYS C 217 -33.50 14.88 -23.44
C CYS C 217 -34.32 14.00 -22.47
N ALA C 218 -33.69 13.21 -21.61
CA ALA C 218 -34.45 12.43 -20.57
C ALA C 218 -35.27 11.29 -21.18
N VAL C 219 -35.22 11.09 -22.50
CA VAL C 219 -35.90 9.94 -23.15
C VAL C 219 -34.89 9.30 -24.10
N ASP C 220 -33.64 9.79 -24.07
CA ASP C 220 -32.57 9.25 -24.95
C ASP C 220 -32.06 7.94 -24.37
N THR C 221 -31.70 6.99 -25.24
CA THR C 221 -31.23 5.66 -24.78
C THR C 221 -29.75 5.46 -25.21
N GLU C 222 -29.19 6.42 -25.96
CA GLU C 222 -27.80 6.27 -26.48
C GLU C 222 -26.82 7.02 -25.56
N ASN C 223 -26.92 6.81 -24.26
CA ASN C 223 -26.08 7.55 -23.32
C ASN C 223 -24.95 6.72 -22.72
N ALA C 224 -25.02 5.39 -22.79
CA ALA C 224 -23.94 4.56 -22.29
C ALA C 224 -22.81 4.38 -23.29
N ARG C 225 -23.03 4.75 -24.56
CA ARG C 225 -21.99 4.66 -25.57
C ARG C 225 -21.13 5.92 -25.65
N ARG C 226 -21.72 7.09 -25.37
CA ARG C 226 -20.95 8.32 -25.34
C ARG C 226 -19.88 8.28 -24.26
N ILE C 227 -20.24 7.78 -23.07
CA ILE C 227 -19.28 7.63 -21.98
C ILE C 227 -18.19 6.64 -22.38
N PHE C 228 -18.56 5.57 -23.09
CA PHE C 228 -17.59 4.58 -23.53
C PHE C 228 -16.57 5.20 -24.49
N ASN C 229 -17.05 5.97 -25.46
CA ASN C 229 -16.14 6.62 -26.41
C ASN C 229 -15.24 7.64 -25.71
N ASP C 230 -15.81 8.42 -24.79
CA ASP C 230 -15.00 9.40 -24.07
C ASP C 230 -13.94 8.72 -23.22
N CYS C 231 -14.28 7.60 -22.58
CA CYS C 231 -13.31 6.87 -21.78
C CYS C 231 -12.20 6.29 -22.65
N LYS C 232 -12.55 5.80 -23.85
CA LYS C 232 -11.51 5.36 -24.77
C LYS C 232 -10.56 6.50 -25.13
N ASP C 233 -11.11 7.68 -25.39
CA ASP C 233 -10.25 8.82 -25.74
C ASP C 233 -9.34 9.20 -24.58
N ILE C 234 -9.88 9.19 -23.36
CA ILE C 234 -9.08 9.54 -22.17
C ILE C 234 -7.95 8.54 -21.99
N ILE C 235 -8.25 7.25 -22.13
CA ILE C 235 -7.22 6.22 -21.98
C ILE C 235 -6.16 6.36 -23.07
N LEU C 236 -6.59 6.71 -24.29
CA LEU C 236 -5.63 6.92 -25.37
C LEU C 236 -4.68 8.07 -25.05
N GLN C 237 -5.21 9.17 -24.52
CA GLN C 237 -4.34 10.28 -24.14
C GLN C 237 -3.38 9.89 -23.03
N MET C 238 -3.87 9.14 -22.03
CA MET C 238 -3.01 8.69 -20.95
C MET C 238 -1.88 7.80 -21.47
N ASN C 239 -2.20 6.91 -22.41
CA ASN C 239 -1.17 6.07 -23.02
C ASN C 239 -0.17 6.90 -23.81
N LEU C 240 -0.66 7.95 -24.50
CA LEU C 240 0.23 8.81 -25.26
C LEU C 240 1.23 9.52 -24.36
N ARG C 241 0.77 10.01 -23.21
CA ARG C 241 1.69 10.75 -22.34
C ARG C 241 2.72 9.84 -21.68
N GLU C 242 2.39 8.57 -21.44
CA GLU C 242 3.32 7.71 -20.70
C GLU C 242 4.39 7.10 -21.59
N TYR C 243 4.24 7.22 -22.91
CA TYR C 243 5.33 6.90 -23.84
C TYR C 243 6.05 8.14 -24.37
N ASN C 244 5.82 9.31 -23.76
CA ASN C 244 6.49 10.56 -24.10
C ASN C 244 6.26 10.98 -25.55
N LEU C 245 5.18 10.51 -26.18
CA LEU C 245 4.88 10.94 -27.54
C LEU C 245 4.28 12.34 -27.56
N VAL C 246 3.50 12.68 -26.54
CA VAL C 246 2.87 13.99 -26.46
C VAL C 246 3.08 14.59 -25.07
N LEU D 9 -32.21 40.77 19.16
CA LEU D 9 -30.96 40.24 18.63
C LEU D 9 -29.81 41.21 18.82
N ASP D 10 -30.06 42.51 18.70
CA ASP D 10 -29.01 43.51 18.82
C ASP D 10 -28.43 43.52 20.23
N GLN D 11 -29.29 43.46 21.25
CA GLN D 11 -28.81 43.46 22.62
C GLN D 11 -27.97 42.22 22.91
N LEU D 12 -28.41 41.05 22.43
CA LEU D 12 -27.64 39.83 22.63
C LEU D 12 -26.29 39.90 21.92
N ARG D 13 -26.28 40.45 20.70
CA ARG D 13 -25.02 40.59 19.97
C ARG D 13 -24.07 41.54 20.69
N GLN D 14 -24.59 42.64 21.23
CA GLN D 14 -23.76 43.57 21.98
C GLN D 14 -23.20 42.91 23.24
N GLU D 15 -24.03 42.13 23.95
CA GLU D 15 -23.55 41.43 25.13
C GLU D 15 -22.46 40.42 24.76
N ALA D 16 -22.64 39.71 23.65
CA ALA D 16 -21.64 38.76 23.21
C ALA D 16 -20.32 39.45 22.87
N GLU D 17 -20.39 40.59 22.18
CA GLU D 17 -19.18 41.34 21.86
C GLU D 17 -18.48 41.83 23.13
N GLN D 18 -19.25 42.32 24.09
CA GLN D 18 -18.67 42.76 25.36
C GLN D 18 -17.99 41.61 26.08
N LEU D 19 -18.62 40.44 26.11
CA LEU D 19 -18.03 39.28 26.77
C LEU D 19 -16.75 38.85 26.06
N LYS D 20 -16.75 38.88 24.73
CA LYS D 20 -15.54 38.52 23.97
C LYS D 20 -14.40 39.50 24.27
N ASN D 21 -14.71 40.78 24.32
CA ASN D 21 -13.68 41.77 24.65
C ASN D 21 -13.16 41.56 26.06
N GLN D 22 -14.05 41.25 27.01
CA GLN D 22 -13.62 40.98 28.38
C GLN D 22 -12.71 39.77 28.43
N ILE D 23 -13.03 38.71 27.70
CA ILE D 23 -12.19 37.52 27.67
C ILE D 23 -10.82 37.84 27.08
N ARG D 24 -10.81 38.60 25.97
CA ARG D 24 -9.53 38.96 25.33
C ARG D 24 -8.67 39.79 26.26
N ASP D 25 -9.28 40.71 27.00
CA ASP D 25 -8.52 41.48 27.99
C ASP D 25 -8.05 40.60 29.14
N ALA D 26 -8.87 39.61 29.52
CA ALA D 26 -8.51 38.73 30.63
C ALA D 26 -7.29 37.89 30.31
N ARG D 27 -7.21 37.34 29.10
CA ARG D 27 -6.05 36.51 28.74
C ARG D 27 -4.86 37.32 28.28
N LYS D 28 -4.98 38.65 28.19
CA LYS D 28 -3.83 39.50 27.88
C LYS D 28 -3.03 39.86 29.13
N ALA D 29 -3.67 39.86 30.30
CA ALA D 29 -2.99 40.19 31.54
C ALA D 29 -2.10 39.05 32.05
N CYS D 30 -2.26 37.84 31.53
CA CYS D 30 -1.46 36.70 31.93
C CYS D 30 -0.20 36.53 31.10
N ALA D 31 -0.03 37.33 30.05
CA ALA D 31 1.10 37.23 29.14
C ALA D 31 2.21 38.14 29.64
N ASP D 32 2.94 37.68 30.64
CA ASP D 32 4.05 38.44 31.20
C ASP D 32 5.40 38.11 30.55
N ALA D 33 5.60 36.87 30.15
CA ALA D 33 6.81 36.44 29.47
C ALA D 33 6.43 35.62 28.24
N THR D 34 7.44 35.14 27.52
CA THR D 34 7.24 34.36 26.32
C THR D 34 8.09 33.09 26.40
N LEU D 35 7.57 32.01 25.82
CA LEU D 35 8.30 30.75 25.84
C LEU D 35 9.66 30.87 25.16
N SER D 36 9.77 31.74 24.16
CA SER D 36 11.04 31.90 23.45
C SER D 36 12.13 32.47 24.36
N GLN D 37 11.79 33.48 25.16
CA GLN D 37 12.81 34.09 26.02
C GLN D 37 13.06 33.29 27.30
N ILE D 38 12.12 32.44 27.71
CA ILE D 38 12.35 31.59 28.87
C ILE D 38 13.41 30.53 28.55
N THR D 39 13.41 30.00 27.34
CA THR D 39 14.26 28.87 26.95
C THR D 39 15.44 29.29 26.09
N ASN D 40 15.99 30.49 26.34
CA ASN D 40 17.21 30.87 25.63
C ASN D 40 18.44 30.17 26.19
N ASN D 41 18.49 29.97 27.50
CA ASN D 41 19.67 29.38 28.15
C ASN D 41 19.53 27.87 28.29
N ILE D 42 19.22 27.19 27.18
CA ILE D 42 19.22 25.73 27.14
C ILE D 42 19.94 25.30 25.87
N ASP D 43 20.60 24.15 25.94
CA ASP D 43 21.37 23.67 24.81
C ASP D 43 20.44 23.22 23.69
N PRO D 44 20.78 23.50 22.43
CA PRO D 44 19.96 23.03 21.31
C PRO D 44 20.07 21.52 21.14
N VAL D 45 19.02 20.96 20.54
CA VAL D 45 18.96 19.51 20.33
C VAL D 45 20.08 19.06 19.40
N GLY D 46 20.28 19.78 18.30
CA GLY D 46 21.30 19.42 17.34
C GLY D 46 20.71 18.91 16.04
N ARG D 47 21.41 17.98 15.40
CA ARG D 47 20.97 17.38 14.14
C ARG D 47 20.45 15.98 14.41
N ILE D 48 19.23 15.70 13.95
CA ILE D 48 18.59 14.41 14.13
C ILE D 48 18.59 13.69 12.79
N GLN D 49 19.24 12.53 12.74
CA GLN D 49 19.32 11.73 11.52
C GLN D 49 18.66 10.38 11.78
N MET D 50 17.69 10.03 10.93
CA MET D 50 16.97 8.78 11.03
C MET D 50 17.02 8.05 9.69
N ARG D 51 16.99 6.73 9.76
CA ARG D 51 17.09 5.89 8.58
C ARG D 51 15.98 4.84 8.58
N THR D 52 15.56 4.44 7.39
CA THR D 52 14.51 3.46 7.25
C THR D 52 15.01 2.08 7.66
N ARG D 53 14.23 1.39 8.50
CA ARG D 53 14.55 0.05 8.97
C ARG D 53 13.71 -1.03 8.31
N ARG D 54 12.42 -0.78 8.10
CA ARG D 54 11.53 -1.74 7.48
C ARG D 54 10.68 -1.04 6.43
N THR D 55 10.26 -1.81 5.42
CA THR D 55 9.31 -1.35 4.42
C THR D 55 8.20 -2.37 4.29
N LEU D 56 6.96 -1.93 4.37
CA LEU D 56 5.79 -2.79 4.42
C LEU D 56 5.06 -2.68 3.09
N ARG D 57 5.01 -3.79 2.35
CA ARG D 57 4.38 -3.84 1.03
C ARG D 57 3.18 -4.77 1.05
N GLY D 58 2.23 -4.51 0.17
CA GLY D 58 1.05 -5.34 0.07
C GLY D 58 -0.24 -4.61 -0.27
N HIS D 59 -0.27 -3.30 -0.01
CA HIS D 59 -1.43 -2.51 -0.40
C HIS D 59 -1.33 -2.09 -1.86
N LEU D 60 -2.49 -2.00 -2.52
CA LEU D 60 -2.57 -1.69 -3.94
C LEU D 60 -3.31 -0.38 -4.20
N ALA D 61 -3.39 0.50 -3.20
CA ALA D 61 -4.03 1.79 -3.34
C ALA D 61 -3.50 2.70 -2.25
N LYS D 62 -4.06 3.91 -2.16
CA LYS D 62 -3.60 4.88 -1.17
C LYS D 62 -3.93 4.43 0.25
N ILE D 63 -3.10 4.87 1.19
CA ILE D 63 -3.27 4.57 2.61
C ILE D 63 -3.74 5.83 3.31
N TYR D 64 -4.81 5.71 4.10
CA TYR D 64 -5.40 6.86 4.78
C TYR D 64 -5.15 6.90 6.27
N ALA D 65 -4.98 5.77 6.95
CA ALA D 65 -4.84 5.79 8.40
C ALA D 65 -4.00 4.62 8.88
N MET D 66 -3.46 4.77 10.08
CA MET D 66 -2.77 3.70 10.79
C MET D 66 -2.85 3.96 12.29
N HIS D 67 -2.66 2.91 13.08
CA HIS D 67 -2.64 3.03 14.52
C HIS D 67 -1.77 1.94 15.12
N TRP D 68 -0.94 2.32 16.09
CA TRP D 68 -0.07 1.39 16.78
C TRP D 68 -0.84 0.62 17.85
N GLY D 69 -0.28 -0.51 18.26
CA GLY D 69 -0.78 -1.27 19.39
C GLY D 69 -0.04 -0.93 20.66
N THR D 70 -0.65 -1.27 21.80
CA THR D 70 -0.04 -0.96 23.10
C THR D 70 1.19 -1.81 23.38
N ASP D 71 1.41 -2.90 22.65
CA ASP D 71 2.59 -3.72 22.82
C ASP D 71 3.77 -3.26 21.98
N SER D 72 3.58 -2.23 21.15
CA SER D 72 4.64 -1.65 20.32
C SER D 72 5.20 -2.63 19.31
N ARG D 73 4.41 -3.62 18.91
CA ARG D 73 4.85 -4.58 17.90
C ARG D 73 3.81 -4.75 16.80
N LEU D 74 2.54 -4.54 17.12
CA LEU D 74 1.45 -4.72 16.18
C LEU D 74 0.88 -3.37 15.75
N LEU D 75 0.45 -3.29 14.50
CA LEU D 75 -0.19 -2.09 13.98
C LEU D 75 -1.20 -2.49 12.90
N VAL D 76 -2.14 -1.59 12.65
CA VAL D 76 -3.20 -1.80 11.68
C VAL D 76 -3.21 -0.64 10.69
N SER D 77 -3.53 -0.93 9.44
CA SER D 77 -3.53 0.07 8.37
C SER D 77 -4.81 -0.04 7.55
N ALA D 78 -5.21 1.08 6.95
CA ALA D 78 -6.42 1.17 6.14
C ALA D 78 -6.07 1.71 4.76
N SER D 79 -6.70 1.14 3.74
CA SER D 79 -6.42 1.51 2.36
C SER D 79 -7.72 1.58 1.57
N GLN D 80 -7.68 2.31 0.46
CA GLN D 80 -8.85 2.45 -0.40
C GLN D 80 -9.16 1.21 -1.21
N ASP D 81 -8.28 0.20 -1.21
CA ASP D 81 -8.61 -1.05 -1.87
C ASP D 81 -9.69 -1.83 -1.13
N GLY D 82 -10.05 -1.41 0.09
CA GLY D 82 -11.12 -2.03 0.82
C GLY D 82 -10.73 -3.11 1.80
N LYS D 83 -9.54 -3.01 2.39
CA LYS D 83 -9.05 -4.04 3.30
C LYS D 83 -8.32 -3.41 4.47
N LEU D 84 -8.32 -4.14 5.59
CA LEU D 84 -7.53 -3.82 6.77
C LEU D 84 -6.48 -4.90 6.95
N ILE D 85 -5.26 -4.49 7.30
CA ILE D 85 -4.16 -5.42 7.49
C ILE D 85 -3.52 -5.17 8.85
N ILE D 86 -3.26 -6.25 9.59
CA ILE D 86 -2.53 -6.20 10.84
C ILE D 86 -1.14 -6.76 10.60
N TRP D 87 -0.12 -5.96 10.87
CA TRP D 87 1.27 -6.31 10.58
C TRP D 87 2.01 -6.71 11.85
N ASP D 88 3.10 -7.46 11.67
CA ASP D 88 4.08 -7.73 12.71
C ASP D 88 5.36 -7.01 12.30
N SER D 89 5.60 -5.85 12.90
CA SER D 89 6.67 -4.97 12.43
C SER D 89 8.05 -5.59 12.61
N TYR D 90 8.22 -6.46 13.60
CA TYR D 90 9.53 -7.06 13.84
C TYR D 90 9.96 -7.95 12.68
N THR D 91 9.03 -8.74 12.14
CA THR D 91 9.34 -9.69 11.09
C THR D 91 8.66 -9.37 9.77
N THR D 92 7.86 -8.31 9.70
CA THR D 92 7.11 -7.93 8.50
C THR D 92 6.16 -9.04 8.03
N ASN D 93 5.65 -9.82 8.97
CA ASN D 93 4.65 -10.84 8.65
C ASN D 93 3.25 -10.24 8.71
N LYS D 94 2.36 -10.76 7.89
CA LYS D 94 0.95 -10.37 7.88
C LYS D 94 0.16 -11.34 8.75
N VAL D 95 -0.59 -10.78 9.70
CA VAL D 95 -1.35 -11.61 10.64
C VAL D 95 -2.78 -11.80 10.18
N HIS D 96 -3.45 -10.73 9.77
CA HIS D 96 -4.85 -10.80 9.37
C HIS D 96 -5.08 -9.94 8.14
N ALA D 97 -6.16 -10.23 7.43
CA ALA D 97 -6.60 -9.43 6.28
C ALA D 97 -8.12 -9.39 6.32
N ILE D 98 -8.69 -8.22 6.57
CA ILE D 98 -10.12 -8.05 6.82
C ILE D 98 -10.73 -7.30 5.65
N PRO D 99 -11.57 -7.95 4.83
CA PRO D 99 -12.30 -7.21 3.80
C PRO D 99 -13.37 -6.32 4.40
N LEU D 100 -13.69 -5.25 3.68
CA LEU D 100 -14.65 -4.24 4.14
C LEU D 100 -15.83 -4.15 3.18
N ARG D 101 -17.01 -3.85 3.74
CA ARG D 101 -18.20 -3.71 2.91
C ARG D 101 -18.12 -2.47 2.03
N SER D 102 -17.56 -1.38 2.55
CA SER D 102 -17.36 -0.15 1.80
C SER D 102 -15.89 0.15 1.67
N SER D 103 -15.47 0.63 0.50
CA SER D 103 -14.08 0.90 0.21
C SER D 103 -13.68 2.36 0.46
N TRP D 104 -14.60 3.18 0.96
CA TRP D 104 -14.33 4.59 1.24
C TRP D 104 -14.12 4.72 2.75
N VAL D 105 -12.89 4.46 3.19
CA VAL D 105 -12.54 4.45 4.60
C VAL D 105 -11.54 5.56 4.88
N MET D 106 -11.73 6.26 6.00
CA MET D 106 -10.87 7.39 6.34
C MET D 106 -10.23 7.30 7.72
N THR D 107 -10.54 6.26 8.51
CA THR D 107 -9.98 6.17 9.85
C THR D 107 -9.98 4.72 10.32
N CYS D 108 -9.14 4.44 11.31
CA CYS D 108 -9.07 3.12 11.92
C CYS D 108 -8.49 3.27 13.32
N ALA D 109 -8.77 2.29 14.17
CA ALA D 109 -8.31 2.34 15.55
C ALA D 109 -8.08 0.93 16.06
N TYR D 110 -7.25 0.83 17.11
CA TYR D 110 -6.89 -0.44 17.72
C TYR D 110 -7.15 -0.35 19.22
N ALA D 111 -7.87 -1.33 19.76
CA ALA D 111 -8.26 -1.28 21.16
C ALA D 111 -7.04 -1.49 22.06
N PRO D 112 -7.02 -0.83 23.23
CA PRO D 112 -5.88 -1.02 24.15
C PRO D 112 -5.69 -2.47 24.59
N SER D 113 -6.78 -3.22 24.77
CA SER D 113 -6.65 -4.61 25.18
C SER D 113 -6.14 -5.49 24.05
N GLY D 114 -6.40 -5.11 22.81
CA GLY D 114 -5.97 -5.89 21.67
C GLY D 114 -6.98 -6.86 21.13
N ASN D 115 -8.25 -6.76 21.53
CA ASN D 115 -9.28 -7.69 21.10
C ASN D 115 -10.14 -7.17 19.97
N TYR D 116 -10.17 -5.85 19.74
CA TYR D 116 -11.04 -5.27 18.74
C TYR D 116 -10.32 -4.20 17.95
N VAL D 117 -10.80 -3.97 16.72
CA VAL D 117 -10.38 -2.85 15.89
C VAL D 117 -11.62 -2.19 15.33
N ALA D 118 -11.48 -0.93 14.92
CA ALA D 118 -12.59 -0.16 14.41
C ALA D 118 -12.17 0.59 13.14
N CYS D 119 -13.15 0.89 12.30
CA CYS D 119 -12.90 1.65 11.08
C CYS D 119 -14.21 2.29 10.62
N GLY D 120 -14.08 3.32 9.79
CA GLY D 120 -15.24 4.03 9.29
C GLY D 120 -14.83 5.01 8.21
N GLY D 121 -15.85 5.55 7.53
CA GLY D 121 -15.58 6.45 6.42
C GLY D 121 -16.80 7.12 5.82
N LEU D 122 -16.88 7.13 4.50
CA LEU D 122 -17.91 7.84 3.74
C LEU D 122 -19.25 7.12 3.75
N ASP D 123 -19.45 6.11 4.60
CA ASP D 123 -20.72 5.42 4.72
C ASP D 123 -21.54 5.86 5.93
N ASN D 124 -20.92 6.56 6.88
CA ASN D 124 -21.52 7.10 8.09
C ASN D 124 -21.76 6.04 9.16
N ILE D 125 -21.07 4.90 9.11
CA ILE D 125 -21.17 3.87 10.13
C ILE D 125 -19.78 3.56 10.66
N CYS D 126 -19.66 3.38 11.97
CA CYS D 126 -18.46 2.85 12.60
C CYS D 126 -18.68 1.38 12.93
N SER D 127 -17.76 0.53 12.49
CA SER D 127 -17.88 -0.91 12.63
C SER D 127 -16.81 -1.45 13.59
N ILE D 128 -17.19 -2.44 14.38
CA ILE D 128 -16.31 -3.06 15.36
C ILE D 128 -16.08 -4.52 14.94
N TYR D 129 -14.82 -4.95 14.92
CA TYR D 129 -14.45 -6.28 14.50
C TYR D 129 -13.82 -7.04 15.66
N ASN D 130 -14.28 -8.27 15.88
CA ASN D 130 -13.72 -9.13 16.92
C ASN D 130 -12.51 -9.86 16.36
N LEU D 131 -11.36 -9.69 17.01
CA LEU D 131 -10.12 -10.26 16.50
C LEU D 131 -9.94 -11.70 16.94
N LYS D 132 -9.97 -11.95 18.25
CA LYS D 132 -9.74 -13.26 18.81
C LYS D 132 -11.05 -13.89 19.24
N THR D 133 -11.33 -15.08 18.73
CA THR D 133 -12.55 -15.82 19.02
C THR D 133 -12.38 -17.23 18.47
N ARG D 134 -13.36 -18.08 18.75
CA ARG D 134 -13.38 -19.41 18.17
C ARG D 134 -13.62 -19.32 16.66
N GLU D 135 -13.60 -20.49 16.01
CA GLU D 135 -13.85 -20.63 14.58
C GLU D 135 -12.67 -20.10 13.76
N GLY D 136 -11.71 -19.46 14.42
CA GLY D 136 -10.48 -19.04 13.78
C GLY D 136 -10.60 -17.91 12.77
N ASN D 137 -11.73 -17.23 12.71
CA ASN D 137 -11.94 -16.16 11.75
C ASN D 137 -12.28 -14.85 12.47
N VAL D 138 -12.29 -13.77 11.70
CA VAL D 138 -12.60 -12.43 12.20
C VAL D 138 -13.93 -12.00 11.59
N ARG D 139 -14.87 -11.60 12.44
CA ARG D 139 -16.22 -11.28 12.01
C ARG D 139 -16.67 -9.95 12.61
N VAL D 140 -17.67 -9.34 11.97
CA VAL D 140 -18.20 -8.07 12.43
C VAL D 140 -18.94 -8.26 13.74
N SER D 141 -18.67 -7.40 14.71
CA SER D 141 -19.28 -7.50 16.03
C SER D 141 -20.39 -6.49 16.25
N ARG D 142 -20.24 -5.26 15.76
CA ARG D 142 -21.22 -4.22 16.04
C ARG D 142 -21.11 -3.12 14.98
N GLU D 143 -22.25 -2.60 14.55
CA GLU D 143 -22.32 -1.46 13.66
C GLU D 143 -23.08 -0.34 14.36
N LEU D 144 -22.46 0.84 14.42
CA LEU D 144 -23.02 1.99 15.11
C LEU D 144 -23.46 3.02 14.08
N ALA D 145 -24.74 3.40 14.13
CA ALA D 145 -25.33 4.32 13.17
C ALA D 145 -26.00 5.47 13.91
N GLY D 146 -26.12 6.60 13.22
CA GLY D 146 -26.70 7.79 13.83
C GLY D 146 -26.10 9.10 13.38
N HIS D 147 -24.89 9.06 12.82
CA HIS D 147 -24.29 10.27 12.26
C HIS D 147 -24.95 10.64 10.94
N THR D 148 -24.90 11.94 10.61
CA THR D 148 -25.46 12.47 9.38
C THR D 148 -24.39 12.73 8.33
N GLY D 149 -23.13 12.81 8.75
CA GLY D 149 -22.03 13.02 7.82
C GLY D 149 -20.95 11.98 8.04
N TYR D 150 -19.93 12.06 7.19
CA TYR D 150 -18.87 11.06 7.19
C TYR D 150 -18.06 11.12 8.48
N LEU D 151 -17.49 9.97 8.86
CA LEU D 151 -16.64 9.89 10.03
C LEU D 151 -15.20 10.30 9.70
N SER D 152 -14.55 10.93 10.66
CA SER D 152 -13.18 11.39 10.51
C SER D 152 -12.20 10.76 11.47
N CYS D 153 -12.61 10.41 12.69
CA CYS D 153 -11.72 9.82 13.67
C CYS D 153 -12.54 9.02 14.67
N CYS D 154 -11.87 8.08 15.32
CA CYS D 154 -12.50 7.26 16.36
C CYS D 154 -11.41 6.68 17.26
N ARG D 155 -11.64 6.71 18.57
CA ARG D 155 -10.68 6.22 19.55
C ARG D 155 -11.40 5.40 20.61
N PHE D 156 -10.76 4.32 21.06
CA PHE D 156 -11.32 3.46 22.10
C PHE D 156 -11.00 4.02 23.47
N LEU D 157 -12.02 4.06 24.34
CA LEU D 157 -11.79 4.33 25.75
C LEU D 157 -11.56 3.04 26.52
N ASP D 158 -12.43 2.06 26.30
CA ASP D 158 -12.26 0.71 26.82
C ASP D 158 -12.94 -0.24 25.83
N ASP D 159 -13.21 -1.46 26.26
CA ASP D 159 -13.84 -2.43 25.38
C ASP D 159 -15.32 -2.15 25.11
N ASN D 160 -15.92 -1.18 25.82
CA ASN D 160 -17.35 -0.92 25.68
C ASN D 160 -17.68 0.54 25.40
N GLN D 161 -16.68 1.41 25.24
CA GLN D 161 -16.93 2.81 24.95
C GLN D 161 -16.03 3.28 23.82
N ILE D 162 -16.54 4.22 23.01
CA ILE D 162 -15.80 4.77 21.89
C ILE D 162 -16.31 6.18 21.61
N VAL D 163 -15.40 7.05 21.16
CA VAL D 163 -15.71 8.45 20.85
C VAL D 163 -15.45 8.66 19.37
N THR D 164 -16.41 9.26 18.67
CA THR D 164 -16.32 9.50 17.24
C THR D 164 -16.51 10.98 16.92
N SER D 165 -15.86 11.42 15.85
CA SER D 165 -16.05 12.74 15.29
C SER D 165 -16.51 12.61 13.84
N SER D 166 -17.36 13.53 13.40
CA SER D 166 -17.98 13.43 12.08
C SER D 166 -18.04 14.79 11.42
N GLY D 167 -18.43 14.78 10.15
CA GLY D 167 -18.61 15.97 9.35
C GLY D 167 -19.94 16.66 9.51
N ASP D 168 -20.80 16.17 10.40
CA ASP D 168 -22.05 16.84 10.73
C ASP D 168 -21.88 17.80 11.91
N THR D 169 -20.67 18.27 12.17
CA THR D 169 -20.35 19.28 13.18
C THR D 169 -20.63 18.80 14.60
N THR D 170 -20.53 17.49 14.85
CA THR D 170 -20.83 16.94 16.16
C THR D 170 -19.83 15.84 16.52
N CYS D 171 -19.82 15.49 17.81
CA CYS D 171 -19.08 14.36 18.34
C CYS D 171 -20.00 13.55 19.25
N ALA D 172 -19.71 12.26 19.40
CA ALA D 172 -20.61 11.36 20.12
C ALA D 172 -19.82 10.37 20.96
N LEU D 173 -20.47 9.86 22.01
CA LEU D 173 -19.96 8.78 22.83
C LEU D 173 -20.97 7.64 22.79
N TRP D 174 -20.48 6.42 22.53
CA TRP D 174 -21.33 5.27 22.29
C TRP D 174 -21.14 4.21 23.35
N ASP D 175 -22.17 3.39 23.53
CA ASP D 175 -22.10 2.15 24.29
C ASP D 175 -22.20 1.00 23.30
N ILE D 176 -21.14 0.19 23.22
CA ILE D 176 -21.05 -0.80 22.14
C ILE D 176 -22.06 -1.92 22.32
N GLU D 177 -22.26 -2.38 23.56
CA GLU D 177 -23.19 -3.48 23.80
C GLU D 177 -24.62 -3.09 23.42
N THR D 178 -25.07 -1.91 23.88
CA THR D 178 -26.39 -1.44 23.52
C THR D 178 -26.45 -0.88 22.10
N GLY D 179 -25.36 -0.28 21.63
CA GLY D 179 -25.35 0.33 20.31
C GLY D 179 -26.01 1.68 20.23
N GLN D 180 -26.16 2.39 21.34
CA GLN D 180 -26.86 3.66 21.38
C GLN D 180 -25.94 4.78 21.86
N GLN D 181 -26.19 5.98 21.35
CA GLN D 181 -25.43 7.15 21.77
C GLN D 181 -25.74 7.50 23.22
N THR D 182 -24.70 7.85 23.97
CA THR D 182 -24.84 8.26 25.37
C THR D 182 -24.74 9.77 25.55
N THR D 183 -23.79 10.42 24.89
CA THR D 183 -23.61 11.86 24.99
C THR D 183 -23.28 12.42 23.61
N THR D 184 -23.90 13.55 23.28
CA THR D 184 -23.65 14.26 22.03
C THR D 184 -23.02 15.61 22.32
N PHE D 185 -21.95 15.94 21.60
CA PHE D 185 -21.21 17.17 21.79
C PHE D 185 -21.48 18.11 20.62
N THR D 186 -21.97 19.31 20.92
CA THR D 186 -22.39 20.27 19.91
C THR D 186 -21.74 21.62 20.20
N GLY D 187 -21.51 22.40 19.16
CA GLY D 187 -20.93 23.73 19.30
C GLY D 187 -20.02 24.16 18.17
N HIS D 188 -19.54 23.23 17.36
CA HIS D 188 -18.73 23.59 16.22
C HIS D 188 -19.60 24.11 15.08
N THR D 189 -18.95 24.77 14.12
CA THR D 189 -19.62 25.32 12.95
C THR D 189 -19.32 24.57 11.67
N GLY D 190 -18.05 24.17 11.45
CA GLY D 190 -17.68 23.40 10.30
C GLY D 190 -17.41 21.94 10.63
N ASP D 191 -16.91 21.22 9.63
CA ASP D 191 -16.66 19.79 9.79
C ASP D 191 -15.52 19.55 10.77
N VAL D 192 -15.72 18.56 11.63
CA VAL D 192 -14.70 18.15 12.60
C VAL D 192 -13.80 17.11 11.94
N MET D 193 -12.49 17.28 12.07
CA MET D 193 -11.53 16.47 11.33
C MET D 193 -10.70 15.54 12.19
N SER D 194 -10.44 15.86 13.46
CA SER D 194 -9.57 15.02 14.27
C SER D 194 -9.90 15.21 15.75
N LEU D 195 -9.44 14.26 16.56
CA LEU D 195 -9.60 14.34 18.01
C LEU D 195 -8.44 13.59 18.66
N SER D 196 -8.20 13.91 19.94
CA SER D 196 -7.14 13.29 20.71
C SER D 196 -7.61 13.13 22.15
N LEU D 197 -7.30 11.98 22.74
CA LEU D 197 -7.71 11.65 24.10
C LEU D 197 -6.60 11.97 25.09
N ALA D 198 -6.99 12.46 26.26
CA ALA D 198 -6.04 12.71 27.32
C ALA D 198 -5.54 11.40 27.93
N PRO D 199 -4.35 11.41 28.53
CA PRO D 199 -3.84 10.16 29.15
C PRO D 199 -4.75 9.62 30.24
N ASP D 200 -5.40 10.49 31.00
CA ASP D 200 -6.28 10.04 32.08
C ASP D 200 -7.67 9.64 31.59
N THR D 201 -7.98 9.88 30.31
CA THR D 201 -9.25 9.52 29.69
C THR D 201 -10.41 10.15 30.47
N ARG D 202 -10.35 11.48 30.57
CA ARG D 202 -11.44 12.27 31.13
C ARG D 202 -11.74 13.52 30.33
N LEU D 203 -10.86 13.93 29.42
CA LEU D 203 -11.09 15.05 28.52
C LEU D 203 -10.58 14.70 27.14
N PHE D 204 -11.01 15.46 26.14
CA PHE D 204 -10.47 15.32 24.81
C PHE D 204 -10.66 16.63 24.05
N VAL D 205 -9.87 16.80 23.00
CA VAL D 205 -9.89 18.02 22.18
C VAL D 205 -10.23 17.64 20.75
N SER D 206 -10.77 18.60 20.01
CA SER D 206 -11.13 18.40 18.61
C SER D 206 -10.81 19.65 17.81
N GLY D 207 -10.48 19.45 16.54
CA GLY D 207 -10.22 20.55 15.62
C GLY D 207 -11.12 20.45 14.41
N ALA D 208 -11.59 21.60 13.92
CA ALA D 208 -12.57 21.60 12.85
C ALA D 208 -12.20 22.53 11.70
N CYS D 209 -13.12 22.71 10.76
CA CYS D 209 -12.90 23.54 9.58
C CYS D 209 -13.24 25.00 9.82
N ASP D 210 -13.67 25.36 11.02
CA ASP D 210 -13.94 26.74 11.38
C ASP D 210 -12.73 27.43 12.01
N ALA D 211 -11.55 26.80 11.92
CA ALA D 211 -10.31 27.37 12.46
C ALA D 211 -10.40 27.60 13.96
N SER D 212 -10.90 26.60 14.67
CA SER D 212 -11.00 26.68 16.13
C SER D 212 -10.90 25.29 16.72
N ALA D 213 -10.54 25.24 18.00
CA ALA D 213 -10.45 23.99 18.75
C ALA D 213 -11.19 24.13 20.07
N LYS D 214 -11.77 23.02 20.53
CA LYS D 214 -12.56 23.02 21.75
C LYS D 214 -12.13 21.86 22.65
N LEU D 215 -12.21 22.09 23.95
CA LEU D 215 -11.92 21.09 24.97
C LEU D 215 -13.22 20.67 25.64
N TRP D 216 -13.44 19.37 25.75
CA TRP D 216 -14.72 18.82 26.18
C TRP D 216 -14.56 18.00 27.45
N ASP D 217 -15.69 17.86 28.17
CA ASP D 217 -15.79 17.00 29.34
C ASP D 217 -16.58 15.76 28.96
N VAL D 218 -15.99 14.58 29.17
CA VAL D 218 -16.63 13.33 28.76
C VAL D 218 -17.84 13.04 29.63
N ARG D 219 -17.68 13.16 30.95
CA ARG D 219 -18.78 12.80 31.86
C ARG D 219 -19.89 13.86 31.83
N GLU D 220 -19.52 15.14 31.91
CA GLU D 220 -20.51 16.20 31.99
C GLU D 220 -21.18 16.44 30.64
N GLY D 221 -20.41 16.44 29.56
CA GLY D 221 -20.96 16.66 28.23
C GLY D 221 -20.94 18.09 27.74
N MET D 222 -20.24 18.99 28.42
CA MET D 222 -20.21 20.40 28.08
C MET D 222 -18.85 20.78 27.49
N CYS D 223 -18.77 22.01 26.98
CA CYS D 223 -17.57 22.57 26.41
C CYS D 223 -16.96 23.55 27.40
N ARG D 224 -15.66 23.41 27.65
CA ARG D 224 -14.98 24.21 28.65
C ARG D 224 -14.24 25.41 28.07
N GLN D 225 -13.48 25.21 26.99
CA GLN D 225 -12.62 26.25 26.45
C GLN D 225 -12.65 26.19 24.93
N THR D 226 -12.34 27.33 24.31
CA THR D 226 -12.23 27.44 22.86
C THR D 226 -10.98 28.22 22.50
N PHE D 227 -10.27 27.78 21.46
CA PHE D 227 -9.02 28.37 21.04
C PHE D 227 -9.10 28.77 19.57
N THR D 228 -8.72 30.00 19.26
CA THR D 228 -8.78 30.54 17.90
C THR D 228 -7.47 31.26 17.59
N GLY D 229 -6.60 30.62 16.82
CA GLY D 229 -5.38 31.28 16.36
C GLY D 229 -5.03 31.08 14.91
N HIS D 230 -5.68 30.12 14.25
CA HIS D 230 -5.36 29.79 12.88
C HIS D 230 -6.20 30.64 11.92
N GLU D 231 -5.99 30.45 10.61
CA GLU D 231 -6.79 31.15 9.62
C GLU D 231 -7.20 30.24 8.45
N SER D 232 -7.24 28.94 8.66
CA SER D 232 -7.77 27.99 7.69
C SER D 232 -8.18 26.73 8.43
N ASP D 233 -8.45 25.66 7.69
CA ASP D 233 -8.93 24.42 8.28
C ASP D 233 -7.84 23.76 9.13
N ILE D 234 -8.27 23.13 10.22
CA ILE D 234 -7.39 22.37 11.10
C ILE D 234 -7.56 20.89 10.77
N ASN D 235 -6.43 20.21 10.51
CA ASN D 235 -6.46 18.82 10.07
C ASN D 235 -6.00 17.83 11.12
N ALA D 236 -5.12 18.21 12.05
CA ALA D 236 -4.55 17.28 13.01
C ALA D 236 -4.46 17.93 14.38
N ILE D 237 -4.41 17.07 15.41
CA ILE D 237 -4.36 17.52 16.79
C ILE D 237 -3.79 16.38 17.63
N CYS D 238 -3.12 16.73 18.74
CA CYS D 238 -2.48 15.74 19.59
C CYS D 238 -2.11 16.37 20.92
N PHE D 239 -2.29 15.61 22.00
CA PHE D 239 -1.89 16.04 23.34
C PHE D 239 -0.39 15.94 23.58
N PHE D 240 0.10 16.85 24.42
CA PHE D 240 1.42 16.72 25.02
C PHE D 240 1.42 15.55 26.00
N PRO D 241 2.56 14.89 26.20
CA PRO D 241 2.61 13.79 27.17
C PRO D 241 2.20 14.19 28.58
N ASN D 242 2.43 15.45 28.97
CA ASN D 242 2.04 15.91 30.30
C ASN D 242 0.52 15.87 30.47
N GLY D 243 -0.22 16.26 29.44
CA GLY D 243 -1.66 16.39 29.53
C GLY D 243 -2.16 17.79 29.75
N ASN D 244 -1.29 18.79 29.75
CA ASN D 244 -1.68 20.18 29.95
C ASN D 244 -1.47 21.04 28.71
N ALA D 245 -1.22 20.43 27.55
CA ALA D 245 -0.98 21.19 26.33
C ALA D 245 -1.30 20.29 25.15
N PHE D 246 -1.43 20.91 23.97
CA PHE D 246 -1.68 20.17 22.75
C PHE D 246 -1.19 20.99 21.56
N ALA D 247 -1.06 20.33 20.42
CA ALA D 247 -0.55 20.94 19.20
C ALA D 247 -1.51 20.69 18.05
N THR D 248 -1.54 21.62 17.10
CA THR D 248 -2.43 21.55 15.95
C THR D 248 -1.67 21.84 14.67
N GLY D 249 -2.12 21.25 13.58
CA GLY D 249 -1.61 21.55 12.26
C GLY D 249 -2.73 21.88 11.31
N SER D 250 -2.49 22.85 10.43
CA SER D 250 -3.55 23.42 9.60
C SER D 250 -3.08 23.50 8.15
N ASP D 251 -3.98 23.98 7.28
CA ASP D 251 -3.65 24.34 5.92
C ASP D 251 -2.93 25.68 5.82
N ASP D 252 -2.68 26.33 6.96
CA ASP D 252 -1.91 27.57 7.03
C ASP D 252 -0.44 27.37 6.72
N ALA D 253 0.02 26.11 6.60
CA ALA D 253 1.43 25.77 6.55
C ALA D 253 2.15 26.12 7.85
N THR D 254 1.41 26.14 8.96
CA THR D 254 1.96 26.47 10.27
C THR D 254 1.42 25.50 11.31
N CYS D 255 2.22 25.27 12.35
CA CYS D 255 1.80 24.54 13.53
C CYS D 255 1.85 25.47 14.74
N ARG D 256 0.95 25.24 15.69
CA ARG D 256 0.87 26.07 16.88
C ARG D 256 0.71 25.20 18.10
N LEU D 257 1.18 25.70 19.25
CA LEU D 257 1.09 25.02 20.53
C LEU D 257 0.22 25.84 21.46
N PHE D 258 -0.74 25.19 22.11
CA PHE D 258 -1.69 25.86 22.99
C PHE D 258 -1.56 25.33 24.41
N ASP D 259 -2.00 26.16 25.36
CA ASP D 259 -1.97 25.82 26.78
C ASP D 259 -3.38 25.81 27.33
N LEU D 260 -3.62 24.92 28.30
CA LEU D 260 -4.95 24.78 28.88
C LEU D 260 -5.13 25.65 30.13
N ARG D 261 -4.11 25.73 30.98
CA ARG D 261 -4.21 26.51 32.22
C ARG D 261 -4.00 27.99 32.00
N ALA D 262 -3.39 28.39 30.88
CA ALA D 262 -3.26 29.81 30.55
C ALA D 262 -4.27 30.26 29.50
N ASP D 263 -4.84 29.33 28.74
CA ASP D 263 -5.91 29.61 27.78
C ASP D 263 -5.46 30.58 26.70
N GLN D 264 -4.30 30.32 26.12
CA GLN D 264 -3.78 31.11 25.02
C GLN D 264 -2.70 30.29 24.30
N GLU D 265 -2.04 30.93 23.33
CA GLU D 265 -1.05 30.30 22.49
C GLU D 265 0.36 30.64 22.95
N LEU D 266 1.27 29.68 22.82
CA LEU D 266 2.64 29.82 23.28
C LEU D 266 3.67 29.92 22.17
N MET D 267 3.57 29.08 21.13
CA MET D 267 4.63 28.99 20.13
C MET D 267 4.01 28.73 18.76
N THR D 268 4.74 29.13 17.73
CA THR D 268 4.37 28.87 16.34
C THR D 268 5.54 28.23 15.62
N TYR D 269 5.22 27.33 14.68
CA TYR D 269 6.23 26.56 13.94
C TYR D 269 6.01 26.81 12.46
N SER D 270 6.87 27.65 11.85
CA SER D 270 6.71 27.99 10.45
C SER D 270 8.07 28.36 9.86
N HIS D 271 8.15 28.28 8.54
CA HIS D 271 9.32 28.72 7.81
C HIS D 271 8.88 29.21 6.43
N ASP D 272 9.66 30.14 5.86
CA ASP D 272 9.27 30.79 4.62
C ASP D 272 9.26 29.83 3.43
N ASN D 273 9.95 28.70 3.52
CA ASN D 273 9.99 27.77 2.40
C ASN D 273 8.71 26.95 2.28
N ILE D 274 8.08 26.61 3.39
CA ILE D 274 6.89 25.75 3.37
C ILE D 274 5.70 26.57 2.88
N ILE D 275 5.00 26.05 1.87
CA ILE D 275 3.77 26.64 1.38
C ILE D 275 2.61 25.66 1.34
N CYS D 276 2.84 24.39 1.70
CA CYS D 276 1.81 23.37 1.63
C CYS D 276 1.21 23.13 3.01
N GLY D 277 0.11 22.36 3.05
CA GLY D 277 -0.59 22.10 4.27
C GLY D 277 0.06 21.01 5.12
N ILE D 278 -0.55 20.77 6.28
CA ILE D 278 -0.06 19.79 7.24
C ILE D 278 -1.15 18.74 7.45
N THR D 279 -0.77 17.47 7.37
CA THR D 279 -1.72 16.37 7.43
C THR D 279 -1.78 15.67 8.78
N SER D 280 -0.65 15.51 9.46
CA SER D 280 -0.62 14.78 10.72
C SER D 280 0.49 15.32 11.61
N VAL D 281 0.28 15.23 12.93
CA VAL D 281 1.25 15.67 13.91
C VAL D 281 1.37 14.60 15.00
N SER D 282 2.53 14.59 15.67
CA SER D 282 2.76 13.67 16.78
C SER D 282 3.90 14.21 17.63
N PHE D 283 3.97 13.72 18.86
CA PHE D 283 5.01 14.07 19.82
C PHE D 283 5.94 12.89 20.04
N SER D 284 7.01 13.13 20.80
CA SER D 284 7.90 12.09 21.24
C SER D 284 7.57 11.71 22.68
N LYS D 285 8.30 10.74 23.22
CA LYS D 285 8.02 10.26 24.57
C LYS D 285 8.27 11.35 25.60
N SER D 286 9.35 12.10 25.45
CA SER D 286 9.70 13.17 26.37
C SER D 286 9.02 14.49 26.04
N GLY D 287 8.38 14.60 24.89
CA GLY D 287 7.77 15.84 24.47
C GLY D 287 8.73 16.89 23.95
N ARG D 288 9.96 16.49 23.61
CA ARG D 288 10.95 17.44 23.11
C ARG D 288 10.88 17.62 21.60
N LEU D 289 10.45 16.59 20.86
CA LEU D 289 10.39 16.64 19.41
C LEU D 289 8.93 16.62 18.95
N LEU D 290 8.64 17.37 17.89
CA LEU D 290 7.32 17.41 17.28
C LEU D 290 7.44 16.95 15.83
N LEU D 291 6.73 15.88 15.50
CA LEU D 291 6.77 15.30 14.17
C LEU D 291 5.54 15.73 13.39
N ALA D 292 5.74 16.16 12.14
CA ALA D 292 4.63 16.63 11.32
C ALA D 292 4.80 16.10 9.90
N GLY D 293 3.67 15.93 9.21
CA GLY D 293 3.67 15.47 7.83
C GLY D 293 3.08 16.53 6.92
N TYR D 294 3.63 16.64 5.72
CA TYR D 294 3.27 17.71 4.79
C TYR D 294 2.88 17.13 3.45
N ASP D 295 2.35 17.99 2.58
CA ASP D 295 1.92 17.59 1.25
C ASP D 295 3.05 17.57 0.23
N ASP D 296 4.25 18.06 0.56
CA ASP D 296 5.38 18.05 -0.36
C ASP D 296 6.18 16.76 -0.28
N PHE D 297 5.55 15.67 0.19
CA PHE D 297 6.03 14.29 0.14
C PHE D 297 7.04 13.95 1.22
N ASN D 298 7.24 14.79 2.23
CA ASN D 298 8.22 14.50 3.26
C ASN D 298 7.71 14.98 4.62
N CYS D 299 8.50 14.71 5.67
CA CYS D 299 8.15 15.04 7.04
C CYS D 299 9.25 15.89 7.65
N ASN D 300 8.87 16.74 8.60
CA ASN D 300 9.79 17.65 9.27
C ASN D 300 9.81 17.36 10.76
N VAL D 301 10.99 17.48 11.36
CA VAL D 301 11.18 17.30 12.80
C VAL D 301 11.44 18.66 13.41
N TRP D 302 10.66 19.01 14.43
CA TRP D 302 10.73 20.32 15.06
C TRP D 302 11.21 20.19 16.51
N ASP D 303 11.89 21.24 16.97
CA ASP D 303 12.24 21.37 18.38
C ASP D 303 11.12 22.12 19.08
N ALA D 304 10.34 21.42 19.91
CA ALA D 304 9.14 21.99 20.50
C ALA D 304 9.41 23.10 21.49
N LEU D 305 10.63 23.21 22.01
CA LEU D 305 10.98 24.23 22.99
C LEU D 305 11.72 25.42 22.39
N LYS D 306 12.19 25.33 21.14
CA LYS D 306 12.97 26.39 20.55
C LYS D 306 12.52 26.80 19.15
N ALA D 307 11.57 26.08 18.54
CA ALA D 307 11.01 26.41 17.24
C ALA D 307 12.11 26.46 16.17
N ASP D 308 12.79 25.33 16.00
CA ASP D 308 13.84 25.19 15.01
C ASP D 308 13.77 23.81 14.38
N ARG D 309 14.01 23.75 13.08
CA ARG D 309 14.06 22.47 12.39
C ARG D 309 15.28 21.68 12.84
N ALA D 310 15.08 20.37 13.06
CA ALA D 310 16.17 19.50 13.49
C ALA D 310 16.47 18.36 12.53
N GLY D 311 15.56 18.02 11.62
CA GLY D 311 15.80 16.94 10.69
C GLY D 311 14.67 16.81 9.70
N VAL D 312 14.88 15.95 8.72
CA VAL D 312 13.92 15.71 7.64
C VAL D 312 13.83 14.21 7.39
N LEU D 313 12.61 13.72 7.19
CA LEU D 313 12.35 12.33 6.83
C LEU D 313 11.78 12.32 5.41
N ALA D 314 12.63 12.05 4.42
CA ALA D 314 12.26 12.14 3.01
C ALA D 314 12.51 10.79 2.34
N GLY D 315 11.46 9.97 2.23
CA GLY D 315 11.57 8.70 1.56
C GLY D 315 10.33 8.26 0.80
N HIS D 316 9.34 9.14 0.70
CA HIS D 316 8.06 8.81 0.08
C HIS D 316 7.93 9.52 -1.26
N ASP D 317 7.20 8.88 -2.17
CA ASP D 317 7.02 9.38 -3.53
C ASP D 317 5.71 10.14 -3.71
N ASN D 318 4.87 10.19 -2.69
CA ASN D 318 3.59 10.89 -2.80
C ASN D 318 3.25 11.49 -1.44
N ARG D 319 2.00 11.92 -1.30
CA ARG D 319 1.54 12.64 -0.10
C ARG D 319 1.63 11.76 1.14
N VAL D 320 2.15 12.33 2.22
CA VAL D 320 2.17 11.67 3.52
C VAL D 320 0.85 11.97 4.21
N SER D 321 0.15 10.92 4.65
CA SER D 321 -1.19 11.07 5.19
C SER D 321 -1.34 10.67 6.65
N CYS D 322 -0.42 9.90 7.22
CA CYS D 322 -0.59 9.40 8.57
C CYS D 322 0.76 9.24 9.26
N LEU D 323 0.72 9.21 10.58
CA LEU D 323 1.92 9.23 11.41
C LEU D 323 1.63 8.56 12.74
N GLY D 324 2.68 8.09 13.40
CA GLY D 324 2.52 7.43 14.69
C GLY D 324 3.81 7.11 15.43
N VAL D 325 3.77 7.23 16.76
CA VAL D 325 4.91 6.96 17.63
C VAL D 325 4.49 5.91 18.66
N THR D 326 5.38 4.95 18.91
CA THR D 326 5.08 3.86 19.84
C THR D 326 5.06 4.36 21.28
N ASP D 327 4.49 3.52 22.16
CA ASP D 327 4.42 3.85 23.58
C ASP D 327 5.80 3.87 24.22
N ASP D 328 6.68 2.96 23.81
CA ASP D 328 8.04 2.92 24.33
C ASP D 328 8.98 3.89 23.63
N GLY D 329 8.51 4.60 22.61
CA GLY D 329 9.31 5.59 21.92
C GLY D 329 10.50 5.03 21.17
N MET D 330 10.38 3.82 20.62
CA MET D 330 11.49 3.17 19.94
C MET D 330 11.49 3.41 18.43
N ALA D 331 10.35 3.72 17.83
CA ALA D 331 10.27 3.85 16.39
C ALA D 331 9.12 4.76 16.02
N VAL D 332 9.13 5.22 14.77
CA VAL D 332 8.06 6.02 14.19
C VAL D 332 7.65 5.39 12.87
N ALA D 333 6.36 5.43 12.56
CA ALA D 333 5.81 4.82 11.36
C ALA D 333 5.08 5.86 10.52
N THR D 334 5.29 5.80 9.21
CA THR D 334 4.66 6.73 8.27
C THR D 334 3.97 5.96 7.17
N GLY D 335 2.84 6.49 6.71
CA GLY D 335 2.17 5.98 5.55
C GLY D 335 1.92 7.09 4.55
N SER D 336 1.75 6.70 3.29
CA SER D 336 1.66 7.66 2.20
C SER D 336 0.66 7.19 1.17
N TRP D 337 0.46 8.03 0.15
CA TRP D 337 -0.43 7.74 -0.97
C TRP D 337 0.24 6.85 -2.01
N ASP D 338 1.50 6.48 -1.82
CA ASP D 338 2.21 5.59 -2.73
C ASP D 338 2.08 4.12 -2.35
N SER D 339 1.20 3.80 -1.39
CA SER D 339 0.85 2.42 -1.01
C SER D 339 2.00 1.71 -0.29
N PHE D 340 2.73 2.45 0.56
CA PHE D 340 3.82 1.86 1.32
C PHE D 340 3.81 2.41 2.75
N LEU D 341 4.40 1.63 3.65
CA LEU D 341 4.65 2.08 5.01
C LEU D 341 6.13 1.92 5.32
N LYS D 342 6.65 2.80 6.17
CA LYS D 342 8.05 2.75 6.57
C LYS D 342 8.16 2.93 8.07
N ILE D 343 9.17 2.29 8.66
CA ILE D 343 9.48 2.42 10.07
C ILE D 343 10.86 3.03 10.19
N TRP D 344 10.96 4.14 10.92
CA TRP D 344 12.20 4.87 11.09
C TRP D 344 12.65 4.80 12.55
N ASN D 345 13.97 4.77 12.73
CA ASN D 345 14.53 4.65 14.08
C ASN D 345 15.75 5.55 14.23
N GLN E 11 -30.20 30.18 18.67
CA GLN E 11 -30.52 31.31 19.53
C GLN E 11 -29.25 31.88 20.16
N ALA E 12 -29.20 33.21 20.29
CA ALA E 12 -28.05 33.88 20.88
C ALA E 12 -27.97 33.70 22.39
N ARG E 13 -29.06 33.28 23.04
CA ARG E 13 -29.01 33.05 24.48
C ARG E 13 -28.04 31.92 24.81
N LYS E 14 -28.01 30.87 23.99
CA LYS E 14 -27.04 29.80 24.20
C LYS E 14 -25.61 30.32 24.06
N LEU E 15 -25.36 31.18 23.06
CA LEU E 15 -24.03 31.72 22.87
C LEU E 15 -23.60 32.58 24.04
N VAL E 16 -24.49 33.44 24.54
CA VAL E 16 -24.11 34.30 25.66
C VAL E 16 -23.93 33.47 26.94
N GLU E 17 -24.74 32.44 27.13
CA GLU E 17 -24.56 31.57 28.29
C GLU E 17 -23.23 30.82 28.22
N GLN E 18 -22.86 30.33 27.04
CA GLN E 18 -21.57 29.67 26.87
C GLN E 18 -20.42 30.63 27.14
N LEU E 19 -20.52 31.86 26.63
CA LEU E 19 -19.48 32.85 26.88
C LEU E 19 -19.37 33.19 28.36
N LYS E 20 -20.52 33.31 29.04
CA LYS E 20 -20.50 33.59 30.48
C LYS E 20 -19.86 32.45 31.26
N MET E 21 -20.17 31.21 30.89
CA MET E 21 -19.57 30.07 31.59
C MET E 21 -18.08 29.97 31.28
N GLU E 22 -17.66 30.40 30.09
CA GLU E 22 -16.25 30.31 29.71
C GLU E 22 -15.41 31.45 30.25
N ALA E 23 -16.02 32.60 30.57
CA ALA E 23 -15.28 33.78 31.00
C ALA E 23 -14.99 33.81 32.50
N ASN E 24 -15.56 32.89 33.27
CA ASN E 24 -15.39 32.87 34.72
C ASN E 24 -14.65 31.59 35.10
N ILE E 25 -13.31 31.64 35.00
CA ILE E 25 -12.45 30.53 35.36
C ILE E 25 -11.15 31.11 35.92
N ASP E 26 -10.26 30.22 36.35
CA ASP E 26 -8.97 30.61 36.90
C ASP E 26 -7.89 30.45 35.84
N ARG E 27 -7.03 31.46 35.72
CA ARG E 27 -5.94 31.45 34.75
C ARG E 27 -4.62 31.71 35.46
N ILE E 28 -3.55 31.13 34.91
CA ILE E 28 -2.20 31.31 35.44
C ILE E 28 -1.36 31.99 34.36
N LYS E 29 -0.18 32.46 34.79
CA LYS E 29 0.70 33.19 33.90
C LYS E 29 1.45 32.26 32.96
N VAL E 30 1.94 32.84 31.86
CA VAL E 30 2.62 32.06 30.82
C VAL E 30 3.95 31.53 31.33
N SER E 31 4.65 32.31 32.16
CA SER E 31 5.97 31.90 32.62
C SER E 31 5.92 30.62 33.43
N LYS E 32 4.91 30.48 34.30
CA LYS E 32 4.78 29.27 35.09
C LYS E 32 4.55 28.05 34.21
N ALA E 33 3.70 28.18 33.19
CA ALA E 33 3.46 27.07 32.28
C ALA E 33 4.72 26.71 31.50
N ALA E 34 5.47 27.70 31.03
CA ALA E 34 6.72 27.43 30.34
C ALA E 34 7.70 26.69 31.24
N ALA E 35 7.79 27.10 32.51
CA ALA E 35 8.65 26.41 33.45
C ALA E 35 8.20 24.97 33.65
N ASP E 36 6.89 24.75 33.72
CA ASP E 36 6.38 23.39 33.89
C ASP E 36 6.75 22.49 32.70
N LEU E 37 6.58 23.00 31.48
CA LEU E 37 6.96 22.23 30.30
C LEU E 37 8.46 21.96 30.27
N MET E 38 9.28 22.95 30.62
CA MET E 38 10.71 22.73 30.68
C MET E 38 11.08 21.65 31.69
N ALA E 39 10.45 21.70 32.87
CA ALA E 39 10.74 20.70 33.90
C ALA E 39 10.34 19.31 33.44
N TYR E 40 9.17 19.18 32.80
CA TYR E 40 8.76 17.87 32.30
C TYR E 40 9.71 17.35 31.24
N CYS E 41 10.15 18.21 30.32
CA CYS E 41 11.07 17.77 29.29
C CYS E 41 12.42 17.37 29.87
N GLU E 42 12.91 18.11 30.87
CA GLU E 42 14.19 17.77 31.48
C GLU E 42 14.12 16.48 32.29
N ALA E 43 12.99 16.22 32.94
CA ALA E 43 12.87 15.04 33.80
C ALA E 43 12.96 13.75 32.99
N HIS E 44 12.33 13.71 31.82
CA HIS E 44 12.23 12.50 31.01
C HIS E 44 13.19 12.51 29.83
N ALA E 45 14.28 13.26 29.91
CA ALA E 45 15.19 13.38 28.78
C ALA E 45 15.94 12.09 28.50
N LYS E 46 16.25 11.31 29.53
CA LYS E 46 17.06 10.10 29.38
C LYS E 46 16.20 8.84 29.24
N GLU E 47 15.01 8.96 28.66
CA GLU E 47 14.13 7.81 28.49
C GLU E 47 13.56 7.67 27.08
N ASP E 48 13.80 8.64 26.20
CA ASP E 48 13.30 8.56 24.83
C ASP E 48 14.41 8.20 23.84
N PRO E 49 14.36 7.02 23.22
CA PRO E 49 15.40 6.65 22.24
C PRO E 49 15.49 7.57 21.04
N LEU E 50 14.38 8.17 20.61
CA LEU E 50 14.42 9.02 19.42
C LEU E 50 15.28 10.27 19.61
N LEU E 51 15.54 10.66 20.86
CA LEU E 51 16.40 11.79 21.18
C LEU E 51 17.84 11.35 21.41
N THR E 52 18.05 10.33 22.24
CA THR E 52 19.36 9.75 22.45
C THR E 52 19.40 8.37 21.81
N PRO E 53 20.17 8.19 20.73
CA PRO E 53 20.14 6.90 20.02
C PRO E 53 20.59 5.75 20.92
N VAL E 54 19.92 4.60 20.74
CA VAL E 54 20.23 3.40 21.52
C VAL E 54 21.28 2.58 20.78
N PRO E 55 22.08 1.79 21.49
CA PRO E 55 23.08 0.95 20.79
C PRO E 55 22.41 -0.14 19.96
N ALA E 56 23.18 -0.65 19.00
CA ALA E 56 22.66 -1.65 18.08
C ALA E 56 22.29 -2.95 18.76
N SER E 57 22.75 -3.18 19.99
CA SER E 57 22.42 -4.38 20.74
C SER E 57 21.09 -4.27 21.48
N GLU E 58 20.42 -3.12 21.41
CA GLU E 58 19.15 -2.92 22.08
C GLU E 58 18.04 -2.43 21.17
N ASN E 59 18.31 -2.27 19.87
CA ASN E 59 17.28 -1.83 18.93
C ASN E 59 16.61 -3.04 18.30
N PRO E 60 15.31 -3.24 18.49
CA PRO E 60 14.64 -4.38 17.85
C PRO E 60 14.60 -4.28 16.33
N PHE E 61 14.77 -3.09 15.76
CA PHE E 61 14.69 -2.91 14.32
C PHE E 61 16.09 -2.80 13.70
N VAL F 2 -17.54 -26.50 17.95
CA VAL F 2 -16.36 -27.17 17.39
C VAL F 2 -16.44 -28.66 17.66
N GLN F 3 -16.31 -29.46 16.60
CA GLN F 3 -16.40 -30.91 16.70
C GLN F 3 -15.33 -31.56 15.84
N LEU F 4 -14.91 -32.76 16.25
CA LEU F 4 -13.99 -33.56 15.47
C LEU F 4 -14.33 -35.03 15.71
N VAL F 5 -14.82 -35.70 14.68
CA VAL F 5 -15.29 -37.08 14.78
C VAL F 5 -14.43 -37.95 13.89
N GLU F 6 -13.93 -39.06 14.45
CA GLU F 6 -13.07 -39.98 13.73
C GLU F 6 -13.83 -41.27 13.42
N SER F 7 -13.43 -41.91 12.32
CA SER F 7 -14.08 -43.14 11.86
C SER F 7 -13.02 -44.10 11.35
N GLY F 8 -13.41 -45.37 11.24
CA GLY F 8 -12.50 -46.42 10.83
C GLY F 8 -12.25 -47.39 11.96
N GLY F 9 -11.02 -47.90 12.05
CA GLY F 9 -10.65 -48.76 13.15
C GLY F 9 -11.18 -50.17 13.00
N GLY F 10 -10.75 -51.03 13.92
CA GLY F 10 -11.16 -52.41 13.94
C GLY F 10 -9.97 -53.35 13.92
N LEU F 11 -10.30 -54.64 13.82
CA LEU F 11 -9.29 -55.69 13.81
C LEU F 11 -8.73 -55.88 12.40
N VAL F 12 -7.42 -56.15 12.33
CA VAL F 12 -6.73 -56.29 11.05
C VAL F 12 -5.58 -57.27 11.24
N GLN F 13 -5.31 -58.06 10.20
CA GLN F 13 -4.22 -59.02 10.21
C GLN F 13 -2.90 -58.32 9.87
N PRO F 14 -1.77 -58.90 10.29
CA PRO F 14 -0.48 -58.31 9.93
C PRO F 14 -0.29 -58.27 8.42
N GLY F 15 0.32 -57.18 7.94
CA GLY F 15 0.52 -56.97 6.53
C GLY F 15 -0.66 -56.39 5.78
N GLY F 16 -1.76 -56.07 6.47
CA GLY F 16 -2.93 -55.51 5.84
C GLY F 16 -2.87 -54.00 5.71
N SER F 17 -3.99 -53.42 5.29
CA SER F 17 -4.10 -51.98 5.08
C SER F 17 -5.46 -51.49 5.52
N ARG F 18 -5.48 -50.30 6.12
CA ARG F 18 -6.72 -49.63 6.50
C ARG F 18 -6.60 -48.15 6.18
N LYS F 19 -7.73 -47.45 6.25
CA LYS F 19 -7.77 -46.01 6.00
C LYS F 19 -8.57 -45.34 7.10
N LEU F 20 -7.96 -44.35 7.75
CA LEU F 20 -8.59 -43.62 8.85
C LEU F 20 -9.08 -42.26 8.36
N SER F 21 -10.20 -41.81 8.91
CA SER F 21 -10.85 -40.58 8.47
C SER F 21 -11.25 -39.73 9.67
N CYS F 22 -11.35 -38.43 9.44
CA CYS F 22 -11.81 -37.48 10.45
C CYS F 22 -12.61 -36.38 9.78
N SER F 23 -13.78 -36.08 10.33
CA SER F 23 -14.67 -35.05 9.80
C SER F 23 -14.77 -33.90 10.79
N ALA F 24 -14.59 -32.68 10.30
CA ALA F 24 -14.63 -31.48 11.12
C ALA F 24 -15.84 -30.63 10.77
N SER F 25 -16.43 -30.00 11.77
CA SER F 25 -17.60 -29.15 11.56
C SER F 25 -17.72 -28.19 12.73
N GLY F 26 -17.65 -26.89 12.44
CA GLY F 26 -17.84 -25.89 13.47
C GLY F 26 -16.82 -24.77 13.46
N PHE F 27 -15.82 -24.86 12.57
CA PHE F 27 -14.78 -23.85 12.51
C PHE F 27 -14.22 -23.82 11.09
N ALA F 28 -13.38 -22.81 10.83
CA ALA F 28 -12.76 -22.61 9.52
C ALA F 28 -11.67 -23.67 9.34
N PHE F 29 -12.03 -24.77 8.68
CA PHE F 29 -11.13 -25.90 8.57
C PHE F 29 -9.91 -25.60 7.71
N SER F 30 -10.09 -24.85 6.62
CA SER F 30 -9.01 -24.65 5.65
C SER F 30 -7.88 -23.77 6.17
N SER F 31 -8.05 -23.10 7.30
CA SER F 31 -7.03 -22.22 7.84
C SER F 31 -6.27 -22.85 9.01
N PHE F 32 -6.41 -24.15 9.22
CA PHE F 32 -5.79 -24.84 10.34
C PHE F 32 -4.86 -25.94 9.83
N GLY F 33 -3.78 -26.17 10.58
CA GLY F 33 -2.92 -27.31 10.37
C GLY F 33 -3.31 -28.43 11.33
N MET F 34 -3.20 -29.67 10.85
CA MET F 34 -3.76 -30.81 11.57
C MET F 34 -2.69 -31.86 11.84
N HIS F 35 -2.83 -32.55 12.97
CA HIS F 35 -1.86 -33.54 13.43
C HIS F 35 -2.56 -34.87 13.69
N TRP F 36 -1.75 -35.94 13.72
CA TRP F 36 -2.18 -37.26 14.17
C TRP F 36 -1.31 -37.68 15.34
N VAL F 37 -1.95 -38.08 16.44
CA VAL F 37 -1.27 -38.52 17.66
C VAL F 37 -1.93 -39.82 18.12
N ARG F 38 -1.10 -40.81 18.48
CA ARG F 38 -1.61 -42.10 18.91
C ARG F 38 -1.15 -42.43 20.33
N GLN F 39 -1.90 -43.32 20.98
CA GLN F 39 -1.63 -43.74 22.34
C GLN F 39 -1.75 -45.25 22.45
N ALA F 40 -0.73 -45.89 23.02
CA ALA F 40 -0.75 -47.32 23.24
C ALA F 40 -1.76 -47.66 24.35
N PRO F 41 -2.17 -48.93 24.44
CA PRO F 41 -3.21 -49.29 25.42
C PRO F 41 -2.87 -48.92 26.86
N GLU F 42 -1.59 -48.89 27.23
CA GLU F 42 -1.21 -48.50 28.59
C GLU F 42 -0.05 -47.51 28.64
N LYS F 43 0.52 -47.12 27.51
CA LYS F 43 1.66 -46.23 27.49
C LYS F 43 1.19 -44.78 27.32
N GLY F 44 2.13 -43.89 27.04
CA GLY F 44 1.85 -42.46 26.87
C GLY F 44 1.49 -42.09 25.44
N LEU F 45 1.72 -40.83 25.12
CA LEU F 45 1.33 -40.25 23.85
C LEU F 45 2.52 -40.18 22.90
N GLU F 46 2.25 -40.36 21.60
CA GLU F 46 3.28 -40.37 20.58
C GLU F 46 2.78 -39.66 19.33
N TRP F 47 3.63 -38.83 18.74
CA TRP F 47 3.29 -38.06 17.55
C TRP F 47 3.50 -38.87 16.29
N VAL F 48 2.65 -38.65 15.28
CA VAL F 48 2.67 -39.48 14.08
C VAL F 48 3.00 -38.68 12.83
N ALA F 49 2.16 -37.71 12.47
CA ALA F 49 2.32 -37.00 11.20
C ALA F 49 1.77 -35.58 11.33
N TYR F 50 1.95 -34.80 10.27
CA TYR F 50 1.54 -33.39 10.26
C TYR F 50 1.32 -32.94 8.82
N ILE F 51 0.22 -32.22 8.59
CA ILE F 51 -0.07 -31.61 7.30
C ILE F 51 -0.42 -30.14 7.54
N SER F 52 0.09 -29.27 6.68
CA SER F 52 -0.04 -27.82 6.86
C SER F 52 -1.22 -27.28 6.05
N SER F 53 -1.64 -26.07 6.42
CA SER F 53 -2.67 -25.37 5.65
C SER F 53 -2.13 -25.04 4.26
N GLY F 54 -2.90 -25.40 3.24
CA GLY F 54 -2.43 -25.29 1.87
C GLY F 54 -1.66 -26.49 1.37
N SER F 55 -1.43 -27.49 2.23
CA SER F 55 -0.77 -28.74 1.84
C SER F 55 0.63 -28.49 1.27
N GLY F 56 1.38 -27.59 1.90
CA GLY F 56 2.71 -27.28 1.42
C GLY F 56 3.84 -27.90 2.22
N THR F 57 3.52 -28.45 3.39
CA THR F 57 4.52 -29.07 4.25
C THR F 57 3.95 -30.33 4.87
N ILE F 58 4.72 -31.42 4.82
CA ILE F 58 4.33 -32.70 5.38
C ILE F 58 5.50 -33.28 6.16
N TYR F 59 5.23 -33.80 7.35
CA TYR F 59 6.25 -34.39 8.21
C TYR F 59 5.77 -35.75 8.70
N TYR F 60 6.73 -36.66 8.92
CA TYR F 60 6.43 -37.98 9.44
C TYR F 60 7.44 -38.33 10.54
N ALA F 61 7.03 -39.24 11.41
CA ALA F 61 7.96 -39.81 12.37
C ALA F 61 8.73 -40.97 11.73
N ASP F 62 9.91 -41.25 12.27
CA ASP F 62 10.77 -42.26 11.68
C ASP F 62 10.20 -43.67 11.81
N THR F 63 9.33 -43.91 12.78
CA THR F 63 8.77 -45.24 12.97
C THR F 63 7.81 -45.63 11.86
N VAL F 64 7.15 -44.65 11.25
CA VAL F 64 6.08 -44.92 10.30
C VAL F 64 6.38 -44.32 8.92
N LYS F 65 7.59 -43.82 8.70
CA LYS F 65 7.92 -43.23 7.41
C LYS F 65 7.99 -44.30 6.33
N GLY F 66 7.43 -43.99 5.16
CA GLY F 66 7.40 -44.91 4.05
C GLY F 66 6.21 -45.86 4.03
N ARG F 67 5.40 -45.87 5.09
CA ARG F 67 4.22 -46.71 5.17
C ARG F 67 2.93 -45.93 5.37
N PHE F 68 2.99 -44.76 5.99
CA PHE F 68 1.82 -43.94 6.28
C PHE F 68 1.80 -42.73 5.34
N THR F 69 0.59 -42.28 5.01
CA THR F 69 0.40 -41.12 4.15
C THR F 69 -0.71 -40.25 4.71
N ILE F 70 -0.48 -38.94 4.74
CA ILE F 70 -1.45 -37.97 5.25
C ILE F 70 -1.96 -37.13 4.09
N SER F 71 -3.24 -36.78 4.17
CA SER F 71 -3.89 -35.99 3.12
C SER F 71 -5.13 -35.33 3.70
N ARG F 72 -5.64 -34.33 2.97
CA ARG F 72 -6.83 -33.61 3.40
C ARG F 72 -7.66 -33.23 2.19
N ASP F 73 -8.95 -33.00 2.42
CA ASP F 73 -9.90 -32.59 1.40
C ASP F 73 -10.68 -31.39 1.92
N ASP F 74 -10.23 -30.19 1.58
CA ASP F 74 -10.82 -28.97 2.13
C ASP F 74 -12.30 -28.79 1.81
N PRO F 75 -12.77 -28.98 0.57
CA PRO F 75 -14.21 -28.77 0.31
C PRO F 75 -15.12 -29.67 1.13
N LYS F 76 -14.72 -30.89 1.43
CA LYS F 76 -15.52 -31.80 2.25
C LYS F 76 -15.14 -31.75 3.73
N ASN F 77 -14.10 -31.01 4.09
CA ASN F 77 -13.66 -30.87 5.49
C ASN F 77 -13.34 -32.24 6.11
N THR F 78 -12.43 -32.96 5.47
CA THR F 78 -12.08 -34.30 5.92
C THR F 78 -10.57 -34.47 5.91
N LEU F 79 -10.06 -35.22 6.88
CA LEU F 79 -8.65 -35.56 7.00
C LEU F 79 -8.49 -37.08 6.92
N PHE F 80 -7.46 -37.53 6.20
CA PHE F 80 -7.26 -38.94 5.93
C PHE F 80 -5.89 -39.41 6.43
N LEU F 81 -5.79 -40.71 6.68
CA LEU F 81 -4.54 -41.36 6.99
C LEU F 81 -4.59 -42.78 6.43
N GLN F 82 -3.59 -43.13 5.62
CA GLN F 82 -3.57 -44.40 4.89
C GLN F 82 -2.57 -45.35 5.54
N MET F 83 -3.02 -46.56 5.85
CA MET F 83 -2.17 -47.59 6.42
C MET F 83 -1.60 -48.47 5.32
N THR F 84 -0.43 -49.04 5.59
CA THR F 84 0.21 -49.97 4.67
C THR F 84 1.23 -50.79 5.43
N SER F 85 1.19 -52.11 5.25
CA SER F 85 2.10 -53.03 5.93
C SER F 85 2.01 -52.87 7.46
N LEU F 86 0.81 -53.14 7.98
CA LEU F 86 0.55 -52.95 9.39
C LEU F 86 1.32 -53.98 10.22
N ARG F 87 1.83 -53.53 11.36
CA ARG F 87 2.64 -54.33 12.25
C ARG F 87 1.94 -54.48 13.59
N SER F 88 2.52 -55.29 14.47
CA SER F 88 1.97 -55.50 15.80
C SER F 88 2.22 -54.32 16.73
N GLU F 89 3.10 -53.40 16.36
CA GLU F 89 3.39 -52.22 17.15
C GLU F 89 2.49 -51.04 16.81
N ASP F 90 1.58 -51.20 15.87
CA ASP F 90 0.63 -50.16 15.50
C ASP F 90 -0.70 -50.28 16.24
N THR F 91 -0.82 -51.21 17.17
CA THR F 91 -2.03 -51.35 17.97
C THR F 91 -2.13 -50.20 18.95
N ALA F 92 -3.02 -49.25 18.68
CA ALA F 92 -3.16 -48.06 19.50
C ALA F 92 -4.49 -47.41 19.17
N MET F 93 -4.78 -46.29 19.84
CA MET F 93 -5.93 -45.45 19.54
C MET F 93 -5.43 -44.08 19.09
N TYR F 94 -5.96 -43.61 17.96
CA TYR F 94 -5.42 -42.45 17.27
C TYR F 94 -6.27 -41.21 17.53
N TYR F 95 -5.62 -40.05 17.47
CA TYR F 95 -6.25 -38.77 17.77
C TYR F 95 -5.99 -37.79 16.63
N CYS F 96 -6.91 -36.85 16.47
CA CYS F 96 -6.80 -35.78 15.48
C CYS F 96 -6.81 -34.45 16.21
N VAL F 97 -5.80 -33.63 15.95
CA VAL F 97 -5.58 -32.38 16.69
C VAL F 97 -5.45 -31.23 15.71
N ARG F 98 -6.07 -30.10 16.03
CA ARG F 98 -6.02 -28.91 15.21
C ARG F 98 -4.98 -27.93 15.75
N SER F 99 -4.42 -27.12 14.87
CA SER F 99 -3.33 -26.22 15.23
C SER F 99 -3.27 -25.07 14.24
N ILE F 100 -3.08 -23.86 14.76
CA ILE F 100 -2.94 -22.66 13.94
C ILE F 100 -1.74 -21.88 14.44
N TYR F 101 -1.05 -21.20 13.52
CA TYR F 101 0.24 -20.58 13.81
C TYR F 101 0.27 -19.14 13.31
N TYR F 102 0.26 -18.19 14.23
CA TYR F 102 0.59 -16.80 13.96
C TYR F 102 1.04 -16.18 15.28
N TYR F 103 1.41 -14.90 15.23
CA TYR F 103 1.92 -14.24 16.43
C TYR F 103 0.85 -14.18 17.50
N GLY F 104 1.16 -14.75 18.67
CA GLY F 104 0.24 -14.72 19.80
C GLY F 104 -0.81 -15.81 19.79
N SER F 105 -0.73 -16.78 18.88
CA SER F 105 -1.73 -17.83 18.80
C SER F 105 -1.49 -18.89 19.86
N SER F 106 -2.43 -19.83 19.96
CA SER F 106 -2.39 -20.92 20.93
C SER F 106 -2.60 -22.24 20.22
N PRO F 107 -1.54 -22.84 19.69
CA PRO F 107 -1.68 -24.13 19.00
C PRO F 107 -2.05 -25.25 19.95
N PHE F 108 -2.50 -26.37 19.36
CA PHE F 108 -2.92 -27.57 20.09
C PHE F 108 -4.09 -27.26 21.02
N ASP F 109 -5.14 -26.66 20.45
CA ASP F 109 -6.29 -26.24 21.24
C ASP F 109 -7.30 -27.36 21.45
N PHE F 110 -7.78 -27.94 20.36
CA PHE F 110 -8.89 -28.88 20.40
C PHE F 110 -8.44 -30.28 19.99
N TRP F 111 -8.89 -31.27 20.76
CA TRP F 111 -8.66 -32.68 20.46
C TRP F 111 -10.01 -33.36 20.29
N GLY F 112 -10.11 -34.20 19.26
CA GLY F 112 -11.30 -35.01 19.06
C GLY F 112 -11.22 -36.33 19.79
N GLN F 113 -12.34 -37.06 19.77
CA GLN F 113 -12.35 -38.41 20.27
C GLN F 113 -11.61 -39.33 19.30
N GLY F 114 -11.27 -40.54 19.76
CA GLY F 114 -10.39 -41.41 19.00
C GLY F 114 -11.08 -42.68 18.58
N THR F 115 -10.43 -43.37 17.63
CA THR F 115 -10.83 -44.68 17.18
C THR F 115 -9.72 -45.67 17.45
N THR F 116 -10.08 -46.90 17.79
CA THR F 116 -9.12 -47.94 18.18
C THR F 116 -8.82 -48.85 17.00
N LEU F 117 -7.53 -49.06 16.75
CA LEU F 117 -7.05 -50.00 15.74
C LEU F 117 -6.19 -51.05 16.41
N THR F 118 -6.52 -52.33 16.18
CA THR F 118 -5.80 -53.45 16.77
C THR F 118 -5.32 -54.39 15.66
N VAL F 119 -4.08 -54.86 15.79
CA VAL F 119 -3.47 -55.75 14.81
C VAL F 119 -3.17 -57.07 15.50
N SER F 120 -3.66 -58.16 14.94
CA SER F 120 -3.46 -59.49 15.50
C SER F 120 -2.01 -59.95 15.37
N SER F 136 20.09 -35.48 17.20
CA SER F 136 19.10 -36.55 17.15
C SER F 136 17.74 -36.04 17.61
N ASP F 137 17.22 -36.62 18.68
CA ASP F 137 15.93 -36.24 19.24
C ASP F 137 16.11 -35.77 20.67
N ILE F 138 15.28 -34.79 21.06
CA ILE F 138 15.34 -34.24 22.41
C ILE F 138 14.63 -35.21 23.36
N VAL F 139 15.34 -35.66 24.38
CA VAL F 139 14.80 -36.57 25.38
C VAL F 139 14.39 -35.77 26.60
N MET F 140 13.12 -35.89 26.99
CA MET F 140 12.61 -35.16 28.13
C MET F 140 11.69 -36.07 28.93
N THR F 141 11.92 -36.13 30.25
CA THR F 141 11.37 -37.17 31.10
C THR F 141 10.73 -36.57 32.34
N GLN F 142 9.77 -37.29 32.91
CA GLN F 142 9.09 -36.93 34.15
C GLN F 142 9.41 -38.02 35.17
N ALA F 143 10.26 -37.70 36.15
CA ALA F 143 10.71 -38.71 37.10
C ALA F 143 9.55 -39.24 37.93
N THR F 144 8.67 -38.36 38.40
CA THR F 144 7.55 -38.79 39.22
C THR F 144 6.54 -39.57 38.38
N SER F 145 5.97 -40.61 38.96
CA SER F 145 4.97 -41.44 38.29
C SER F 145 3.63 -41.48 39.00
N SER F 146 3.58 -41.27 40.31
CA SER F 146 2.32 -41.26 41.04
C SER F 146 2.48 -40.43 42.31
N VAL F 147 1.51 -39.55 42.57
CA VAL F 147 1.53 -38.72 43.77
C VAL F 147 0.16 -38.76 44.43
N PRO F 148 0.06 -39.14 45.70
CA PRO F 148 -1.24 -39.08 46.39
C PRO F 148 -1.60 -37.67 46.82
N VAL F 149 -2.84 -37.25 46.59
CA VAL F 149 -3.27 -35.88 46.84
C VAL F 149 -4.58 -35.88 47.60
N THR F 150 -4.86 -34.75 48.24
CA THR F 150 -6.10 -34.51 48.96
C THR F 150 -6.67 -33.16 48.55
N PRO F 151 -7.99 -33.01 48.54
CA PRO F 151 -8.58 -31.73 48.15
C PRO F 151 -8.21 -30.60 49.10
N GLY F 152 -8.09 -29.41 48.55
CA GLY F 152 -7.76 -28.23 49.32
C GLY F 152 -6.28 -27.99 49.54
N GLU F 153 -5.40 -28.73 48.88
CA GLU F 153 -3.96 -28.59 49.06
C GLU F 153 -3.33 -28.08 47.76
N SER F 154 -2.01 -27.98 47.75
CA SER F 154 -1.25 -27.52 46.59
C SER F 154 -0.27 -28.59 46.16
N VAL F 155 -0.16 -28.80 44.85
CA VAL F 155 0.70 -29.82 44.28
C VAL F 155 1.56 -29.20 43.18
N SER F 156 2.84 -29.57 43.14
CA SER F 156 3.77 -29.12 42.12
C SER F 156 4.26 -30.32 41.32
N ILE F 157 4.22 -30.18 39.98
CA ILE F 157 4.64 -31.23 39.06
C ILE F 157 5.73 -30.66 38.16
N SER F 158 6.83 -31.41 38.00
CA SER F 158 7.98 -30.93 37.25
C SER F 158 8.47 -31.99 36.28
N CYS F 159 8.99 -31.54 35.15
CA CYS F 159 9.69 -32.40 34.19
C CYS F 159 10.87 -31.63 33.62
N ARG F 160 11.88 -32.37 33.15
CA ARG F 160 13.11 -31.77 32.65
C ARG F 160 13.43 -32.29 31.26
N SER F 161 14.21 -31.51 30.52
CA SER F 161 14.55 -31.79 29.13
C SER F 161 16.04 -32.11 29.01
N SER F 162 16.46 -32.35 27.76
CA SER F 162 17.85 -32.68 27.45
C SER F 162 18.68 -31.46 27.06
N LYS F 163 18.13 -30.59 26.21
CA LYS F 163 18.81 -29.37 25.80
C LYS F 163 17.88 -28.18 26.06
N SER F 164 18.43 -26.99 25.92
CA SER F 164 17.68 -25.78 26.21
C SER F 164 16.55 -25.56 25.21
N LEU F 165 15.39 -25.17 25.71
CA LEU F 165 14.23 -24.86 24.88
C LEU F 165 14.01 -23.36 24.72
N LEU F 166 14.96 -22.53 25.13
CA LEU F 166 14.86 -21.08 25.04
C LEU F 166 15.50 -20.65 23.72
N HIS F 167 14.70 -20.06 22.84
CA HIS F 167 15.18 -19.62 21.54
C HIS F 167 15.72 -18.19 21.63
N SER F 168 16.36 -17.75 20.54
CA SER F 168 16.94 -16.41 20.49
C SER F 168 15.86 -15.33 20.51
N ASN F 169 14.70 -15.60 19.93
CA ASN F 169 13.64 -14.61 19.86
C ASN F 169 13.01 -14.30 21.22
N GLY F 170 13.31 -15.09 22.24
CA GLY F 170 12.78 -14.85 23.57
C GLY F 170 11.65 -15.76 23.99
N ASN F 171 11.36 -16.81 23.24
CA ASN F 171 10.26 -17.71 23.54
C ASN F 171 10.80 -19.06 24.02
N THR F 172 10.10 -19.64 24.98
CA THR F 172 10.41 -20.99 25.48
C THR F 172 9.24 -21.88 25.10
N TYR F 173 9.52 -22.92 24.31
CA TYR F 173 8.48 -23.75 23.72
C TYR F 173 8.27 -25.00 24.57
N LEU F 174 7.27 -24.94 25.45
CA LEU F 174 6.87 -26.11 26.22
C LEU F 174 5.39 -26.01 26.56
N TYR F 175 4.71 -27.16 26.52
CA TYR F 175 3.27 -27.24 26.65
C TYR F 175 2.90 -28.22 27.76
N TRP F 176 1.70 -28.04 28.30
CA TRP F 176 1.17 -28.89 29.35
C TRP F 176 -0.23 -29.37 28.97
N PHE F 177 -0.52 -30.64 29.26
CA PHE F 177 -1.80 -31.25 28.93
C PHE F 177 -2.32 -32.04 30.11
N LEU F 178 -3.64 -32.18 30.18
CA LEU F 178 -4.32 -32.97 31.20
C LEU F 178 -5.27 -33.95 30.52
N GLN F 179 -5.22 -35.21 30.93
CA GLN F 179 -6.10 -36.24 30.38
C GLN F 179 -6.82 -36.92 31.55
N ARG F 180 -8.13 -36.71 31.64
CA ARG F 180 -8.93 -37.31 32.68
C ARG F 180 -9.29 -38.75 32.31
N PRO F 181 -9.60 -39.58 33.30
CA PRO F 181 -9.94 -40.99 33.00
C PRO F 181 -11.13 -41.09 32.07
N GLY F 182 -10.95 -41.84 30.99
CA GLY F 182 -11.99 -42.03 29.99
C GLY F 182 -12.35 -40.77 29.22
N GLN F 183 -11.36 -39.93 28.92
CA GLN F 183 -11.61 -38.67 28.22
C GLN F 183 -10.43 -38.41 27.29
N SER F 184 -10.46 -37.24 26.64
CA SER F 184 -9.44 -36.80 25.69
C SER F 184 -8.58 -35.70 26.30
N PRO F 185 -7.30 -35.63 25.94
CA PRO F 185 -6.41 -34.64 26.56
C PRO F 185 -6.83 -33.20 26.25
N GLN F 186 -6.52 -32.32 27.20
CA GLN F 186 -6.89 -30.91 27.12
C GLN F 186 -5.68 -30.04 27.41
N LEU F 187 -5.60 -28.90 26.73
CA LEU F 187 -4.47 -27.99 26.85
C LEU F 187 -4.62 -27.09 28.08
N LEU F 188 -3.53 -26.94 28.83
CA LEU F 188 -3.50 -26.10 30.03
C LEU F 188 -2.58 -24.90 29.85
N ILE F 189 -1.31 -25.13 29.53
CA ILE F 189 -0.31 -24.07 29.40
C ILE F 189 0.35 -24.20 28.04
N TYR F 190 0.47 -23.09 27.33
CA TYR F 190 1.20 -23.04 26.08
C TYR F 190 2.34 -22.03 26.17
N ARG F 191 3.51 -22.43 25.69
CA ARG F 191 4.73 -21.62 25.74
C ARG F 191 5.12 -21.27 27.18
N MET F 192 4.88 -22.22 28.09
CA MET F 192 5.50 -22.25 29.42
C MET F 192 4.93 -21.23 30.40
N SER F 193 4.11 -20.29 29.93
CA SER F 193 3.61 -19.25 30.83
C SER F 193 2.15 -18.90 30.67
N ASN F 194 1.51 -19.17 29.54
CA ASN F 194 0.20 -18.62 29.24
C ASN F 194 -0.91 -19.62 29.54
N LEU F 195 -2.01 -19.11 30.06
CA LEU F 195 -3.20 -19.90 30.35
C LEU F 195 -4.10 -19.98 29.12
N ALA F 196 -4.66 -21.16 28.90
CA ALA F 196 -5.57 -21.35 27.78
C ALA F 196 -6.97 -20.83 28.13
N SER F 197 -7.78 -20.67 27.10
CA SER F 197 -9.14 -20.18 27.29
C SER F 197 -10.00 -21.23 27.98
N GLY F 198 -10.74 -20.83 29.01
CA GLY F 198 -11.60 -21.72 29.76
C GLY F 198 -10.93 -22.42 30.92
N VAL F 199 -9.62 -22.25 31.08
CA VAL F 199 -8.87 -22.89 32.16
C VAL F 199 -8.96 -22.02 33.41
N PRO F 200 -9.31 -22.57 34.57
CA PRO F 200 -9.41 -21.75 35.78
C PRO F 200 -8.04 -21.23 36.22
N ASP F 201 -8.08 -20.09 36.91
CA ASP F 201 -6.88 -19.36 37.28
C ASP F 201 -6.04 -20.06 38.34
N ARG F 202 -6.55 -21.13 38.96
CA ARG F 202 -5.78 -21.83 39.98
C ARG F 202 -4.56 -22.55 39.42
N PHE F 203 -4.46 -22.71 38.11
CA PHE F 203 -3.29 -23.31 37.48
C PHE F 203 -2.25 -22.24 37.17
N SER F 204 -0.98 -22.61 37.25
CA SER F 204 0.11 -21.71 36.94
C SER F 204 1.30 -22.52 36.45
N GLY F 205 2.19 -21.85 35.71
CA GLY F 205 3.35 -22.51 35.17
C GLY F 205 4.55 -21.59 35.00
N SER F 206 5.71 -22.02 35.47
CA SER F 206 6.92 -21.21 35.36
C SER F 206 8.13 -22.14 35.37
N GLY F 207 9.25 -21.61 34.93
CA GLY F 207 10.48 -22.39 34.90
C GLY F 207 11.57 -21.67 34.14
N SER F 208 12.75 -22.26 34.20
CA SER F 208 13.92 -21.79 33.48
C SER F 208 14.31 -22.82 32.43
N GLY F 209 15.41 -22.56 31.73
CA GLY F 209 15.91 -23.50 30.74
C GLY F 209 16.19 -24.86 31.33
N THR F 210 15.70 -25.92 30.67
CA THR F 210 15.90 -27.33 31.01
C THR F 210 15.11 -27.76 32.23
N ALA F 211 14.58 -26.83 33.02
CA ALA F 211 13.89 -27.17 34.26
C ALA F 211 12.59 -26.41 34.35
N PHE F 212 11.48 -27.14 34.37
CA PHE F 212 10.13 -26.56 34.34
C PHE F 212 9.28 -27.20 35.42
N THR F 213 8.29 -26.44 35.90
CA THR F 213 7.39 -26.91 36.94
C THR F 213 5.98 -26.40 36.67
N LEU F 214 5.00 -27.13 37.19
CA LEU F 214 3.59 -26.75 37.10
C LEU F 214 3.01 -26.74 38.51
N THR F 215 2.29 -25.68 38.86
CA THR F 215 1.75 -25.49 40.20
C THR F 215 0.24 -25.46 40.15
N ILE F 216 -0.39 -26.21 41.05
CA ILE F 216 -1.83 -26.21 41.23
C ILE F 216 -2.12 -25.72 42.64
N SER F 217 -2.96 -24.71 42.76
CA SER F 217 -3.33 -24.14 44.05
C SER F 217 -4.79 -24.41 44.34
N ARG F 218 -5.08 -24.80 45.58
CA ARG F 218 -6.43 -25.14 46.02
C ARG F 218 -7.01 -26.28 45.17
N LEU F 219 -6.35 -27.43 45.25
CA LEU F 219 -6.75 -28.59 44.47
C LEU F 219 -8.17 -29.02 44.81
N GLU F 220 -8.92 -29.40 43.79
CA GLU F 220 -10.30 -29.84 43.95
C GLU F 220 -10.52 -31.10 43.11
N ALA F 221 -11.73 -31.65 43.21
CA ALA F 221 -12.09 -32.78 42.37
C ALA F 221 -12.18 -32.35 40.91
N GLU F 222 -12.38 -33.32 40.03
CA GLU F 222 -12.35 -33.12 38.58
C GLU F 222 -11.02 -32.55 38.11
N ASP F 223 -9.97 -32.78 38.89
CA ASP F 223 -8.62 -32.32 38.56
C ASP F 223 -7.63 -33.44 38.86
N VAL F 224 -8.04 -34.67 38.57
CA VAL F 224 -7.22 -35.85 38.79
C VAL F 224 -7.07 -36.60 37.47
N GLY F 225 -5.85 -37.04 37.20
CA GLY F 225 -5.53 -37.70 35.95
C GLY F 225 -4.03 -37.69 35.74
N VAL F 226 -3.64 -37.79 34.47
CA VAL F 226 -2.24 -37.87 34.07
C VAL F 226 -1.86 -36.58 33.37
N TYR F 227 -0.71 -36.03 33.74
CA TYR F 227 -0.19 -34.78 33.17
C TYR F 227 0.98 -35.07 32.25
N TYR F 228 1.01 -34.42 31.10
CA TYR F 228 2.08 -34.59 30.12
C TYR F 228 2.69 -33.24 29.78
N CYS F 229 3.99 -33.26 29.51
CA CYS F 229 4.72 -32.09 29.02
C CYS F 229 5.39 -32.41 27.69
N MET F 230 5.26 -31.48 26.74
CA MET F 230 5.70 -31.69 25.37
C MET F 230 6.53 -30.49 24.92
N GLN F 231 7.50 -30.75 24.04
CA GLN F 231 8.32 -29.71 23.44
C GLN F 231 7.90 -29.48 21.99
N HIS F 232 8.04 -28.23 21.54
CA HIS F 232 7.68 -27.82 20.19
C HIS F 232 8.81 -27.01 19.56
N LEU F 233 10.05 -27.29 19.95
CA LEU F 233 11.20 -26.58 19.43
C LEU F 233 11.58 -27.03 18.01
N GLU F 234 11.50 -28.33 17.75
CA GLU F 234 11.85 -28.87 16.44
C GLU F 234 11.24 -30.25 16.28
N TYR F 235 11.01 -30.63 15.03
CA TYR F 235 10.46 -31.94 14.73
C TYR F 235 11.54 -33.01 14.83
N PRO F 236 11.19 -34.23 15.29
CA PRO F 236 9.86 -34.68 15.71
C PRO F 236 9.42 -34.17 17.08
N LEU F 237 8.12 -34.13 17.32
CA LEU F 237 7.59 -33.70 18.61
C LEU F 237 7.69 -34.85 19.60
N THR F 238 8.12 -34.53 20.82
CA THR F 238 8.42 -35.54 21.83
C THR F 238 7.63 -35.24 23.10
N PHE F 239 6.95 -36.24 23.62
CA PHE F 239 6.19 -36.13 24.86
C PHE F 239 7.01 -36.66 26.03
N GLY F 240 6.48 -36.46 27.23
CA GLY F 240 7.05 -37.00 28.44
C GLY F 240 6.53 -38.41 28.71
N ALA F 241 6.65 -38.83 29.97
CA ALA F 241 6.18 -40.14 30.39
C ALA F 241 4.81 -40.09 31.07
N GLY F 242 4.57 -39.09 31.90
CA GLY F 242 3.26 -38.93 32.52
C GLY F 242 3.28 -39.11 34.03
N THR F 243 2.81 -38.10 34.75
CA THR F 243 2.64 -38.16 36.20
C THR F 243 1.16 -38.12 36.53
N LYS F 244 0.69 -39.11 37.29
CA LYS F 244 -0.72 -39.21 37.61
C LYS F 244 -0.97 -38.81 39.06
N LEU F 245 -2.16 -38.27 39.31
CA LEU F 245 -2.58 -37.83 40.63
C LEU F 245 -3.72 -38.71 41.10
N GLU F 246 -3.61 -39.20 42.33
CA GLU F 246 -4.61 -40.09 42.91
C GLU F 246 -5.12 -39.52 44.23
N LEU F 247 -6.36 -39.84 44.56
CA LEU F 247 -6.97 -39.38 45.81
C LEU F 247 -6.30 -40.05 47.01
#